data_8C48
#
_entry.id   8C48
#
_cell.length_a   40.950
_cell.length_b   107.806
_cell.length_c   88.241
_cell.angle_alpha   90.00
_cell.angle_beta   95.47
_cell.angle_gamma   90.00
#
_symmetry.space_group_name_H-M   'P 1 21 1'
#
loop_
_entity.id
_entity.type
_entity.pdbx_description
1 polymer 'GH30 family xylanase'
2 branched alpha-D-mannopyranose-(1-2)-alpha-D-mannopyranose-(1-6)-[alpha-D-mannopyranose-(1-3)]alpha-D-mannopyranose-(1-6)-[alpha-D-mannopyranose-(1-2)-alpha-D-mannopyranose-(1-3)]beta-D-mannopyranose-(1-4)-2-acetamido-2-deoxy-beta-D-glucopyranose-(1-4)-2-acetamido-2-deoxy-beta-D-glucopyranose
3 branched 2-acetamido-2-deoxy-beta-D-glucopyranose-(1-4)-2-acetamido-2-deoxy-beta-D-glucopyranose
4 branched beta-D-xylopyranose-(1-4)-beta-D-xylopyranose-(1-4)-beta-D-xylopyranose-(1-4)-beta-D-xylopyranose-(1-4)-beta-D-xylopyranose
5 branched beta-D-xylopyranose-(1-4)-beta-D-xylopyranose-(1-4)-beta-D-xylopyranose
6 branched beta-D-xylopyranose-(1-4)-beta-D-xylopyranose-(1-4)-beta-D-xylopyranose-(1-4)-beta-D-xylopyranose
7 non-polymer 1,2-ETHANEDIOL
8 non-polymer 'FLUORIDE ION'
9 water water
#
_entity_poly.entity_id   1
_entity_poly.type   'polypeptide(L)'
_entity_poly.pdbx_seq_one_letter_code
;SMLQQRQAGTTLTVDLSTTYQRIDGFGTSEAFQRAVQMSRLPEEGQRRALDVLFSTTNGAGLSILRNGIGSSPDMSSDHM
VSIAPKSPGSPNNPLIYSWDGSDNKQLWVSQEAVHTYGVKTIYADAWSAPGYMKTNGNDANGGTLCGLSGAQCASGDWRQ
AYADYLTKYVEFYQESNVTVTHLGFINAPELTTSYASMRFSASQAAEFIRILYPTIQKSNLTYKPTIACCDAEGWNSQAG
MLGALSSVNSMFGLVTAHAYTSQPGFSMNTPHPVWMTAAADLQGAWTSAWYSYGGAGEGWTWANNVYNAIVNGNASAYLY
WIGAQTGNTNSHMVHIDANAGTVEPSKRLWALGQWSRFVRPGARRVAVSGASGSLRTAAFRNEDGSVAVVVINSGGDAAV
NVRLASSSSADQQPASAKAWATDNSRAIEEIQASFADGVATVNVPSRSMTTVVLYPAADALEQKLISEEDLNSAVDHHHH
HH
;
_entity_poly.pdbx_strand_id   A,B
#
loop_
_chem_comp.id
_chem_comp.type
_chem_comp.name
_chem_comp.formula
BMA D-saccharide, beta linking beta-D-mannopyranose 'C6 H12 O6'
EDO non-polymer 1,2-ETHANEDIOL 'C2 H6 O2'
F non-polymer 'FLUORIDE ION' 'F -1'
MAN D-saccharide, alpha linking alpha-D-mannopyranose 'C6 H12 O6'
NAG D-saccharide, beta linking 2-acetamido-2-deoxy-beta-D-glucopyranose 'C8 H15 N O6'
XYP D-saccharide, beta linking beta-D-xylopyranose 'C5 H10 O5'
#
# COMPACT_ATOMS: atom_id res chain seq x y z
N GLY A 9 47.92 -4.11 -15.78
CA GLY A 9 46.86 -3.03 -15.62
C GLY A 9 45.88 -3.34 -14.50
N THR A 10 44.69 -2.74 -14.54
CA THR A 10 43.61 -3.09 -13.60
C THR A 10 42.90 -4.31 -14.19
N THR A 11 42.65 -5.32 -13.40
CA THR A 11 41.87 -6.50 -13.82
C THR A 11 40.49 -6.44 -13.17
N LEU A 12 39.47 -6.53 -14.02
CA LEU A 12 38.06 -6.62 -13.60
C LEU A 12 37.64 -8.06 -13.79
N THR A 13 37.21 -8.70 -12.71
CA THR A 13 36.85 -10.12 -12.69
C THR A 13 35.35 -10.24 -12.42
N VAL A 14 34.62 -10.86 -13.34
CA VAL A 14 33.16 -11.01 -13.23
C VAL A 14 32.85 -12.35 -12.55
N ASP A 15 32.05 -12.29 -11.49
CA ASP A 15 31.59 -13.50 -10.77
C ASP A 15 30.13 -13.75 -11.15
N LEU A 16 29.91 -14.68 -12.11
CA LEU A 16 28.56 -15.00 -12.62
C LEU A 16 27.70 -15.70 -11.55
N SER A 17 28.32 -16.19 -10.47
N SER A 17 28.32 -16.22 -10.49
CA SER A 17 27.62 -16.92 -9.38
CA SER A 17 27.61 -16.93 -9.39
C SER A 17 27.03 -15.96 -8.33
C SER A 17 26.90 -15.92 -8.47
N THR A 18 27.35 -14.67 -8.41
CA THR A 18 26.76 -13.62 -7.54
C THR A 18 25.87 -12.70 -8.40
N THR A 19 24.55 -12.82 -8.22
CA THR A 19 23.54 -12.19 -9.09
C THR A 19 22.72 -11.17 -8.31
N TYR A 20 22.23 -10.15 -9.01
CA TYR A 20 21.39 -9.08 -8.41
C TYR A 20 20.10 -9.04 -9.23
N GLN A 21 19.67 -7.84 -9.63
CA GLN A 21 18.35 -7.68 -10.28
C GLN A 21 18.48 -7.94 -11.78
N ARG A 22 17.34 -8.19 -12.42
N ARG A 22 17.34 -8.18 -12.41
CA ARG A 22 17.21 -8.30 -13.89
CA ARG A 22 17.24 -8.29 -13.89
C ARG A 22 17.10 -6.88 -14.46
C ARG A 22 17.10 -6.88 -14.46
N ILE A 23 17.65 -6.68 -15.66
CA ILE A 23 17.53 -5.40 -16.40
C ILE A 23 16.49 -5.62 -17.49
N ASP A 24 15.37 -4.91 -17.39
CA ASP A 24 14.30 -4.96 -18.40
C ASP A 24 14.64 -4.05 -19.59
N GLY A 25 15.44 -3.00 -19.38
CA GLY A 25 15.90 -2.16 -20.49
C GLY A 25 16.00 -0.69 -20.18
N PHE A 26 16.05 0.09 -21.24
CA PHE A 26 16.33 1.55 -21.22
C PHE A 26 15.44 2.20 -22.26
N GLY A 27 14.97 3.41 -22.00
CA GLY A 27 14.09 4.05 -22.99
C GLY A 27 13.75 5.47 -22.68
N THR A 28 12.61 5.87 -23.23
CA THR A 28 12.14 7.27 -23.16
C THR A 28 10.70 7.32 -23.63
N SER A 29 10.19 8.53 -23.78
CA SER A 29 8.79 8.83 -24.15
C SER A 29 8.76 9.85 -25.29
N GLU A 30 7.65 9.85 -26.02
CA GLU A 30 7.31 10.94 -26.97
C GLU A 30 5.89 11.44 -26.67
N ALA A 31 5.50 11.42 -25.39
CA ALA A 31 4.18 11.90 -24.93
C ALA A 31 4.03 13.42 -25.16
N PHE A 32 2.84 13.94 -24.89
CA PHE A 32 2.51 15.38 -25.01
C PHE A 32 2.94 15.93 -26.38
N GLN A 33 2.59 15.18 -27.42
CA GLN A 33 2.78 15.60 -28.84
C GLN A 33 4.27 15.74 -29.21
N ARG A 34 5.20 15.27 -28.40
CA ARG A 34 6.61 15.18 -28.88
C ARG A 34 6.66 14.26 -30.12
N ALA A 35 5.86 13.18 -30.16
CA ALA A 35 5.74 12.30 -31.34
C ALA A 35 5.22 13.12 -32.53
N VAL A 36 4.35 14.08 -32.28
CA VAL A 36 3.81 14.95 -33.38
C VAL A 36 4.97 15.79 -33.94
N GLN A 37 5.84 16.31 -33.07
CA GLN A 37 7.00 17.12 -33.51
C GLN A 37 7.90 16.23 -34.39
N MET A 38 8.11 14.97 -34.02
CA MET A 38 8.89 14.02 -34.87
C MET A 38 8.18 13.82 -36.22
N SER A 39 6.86 13.70 -36.23
CA SER A 39 6.08 13.36 -37.44
C SER A 39 6.12 14.53 -38.43
N ARG A 40 6.36 15.76 -37.94
CA ARG A 40 6.35 16.99 -38.78
C ARG A 40 7.72 17.16 -39.48
N LEU A 41 8.74 16.42 -39.07
CA LEU A 41 10.05 16.41 -39.77
C LEU A 41 9.86 15.86 -41.18
N PRO A 42 10.76 16.22 -42.12
CA PRO A 42 10.82 15.51 -43.39
C PRO A 42 11.10 14.02 -43.13
N GLU A 43 10.75 13.17 -44.10
CA GLU A 43 10.91 11.69 -44.00
C GLU A 43 12.34 11.35 -43.55
N GLU A 44 13.37 12.01 -44.09
CA GLU A 44 14.79 11.75 -43.74
C GLU A 44 15.03 12.03 -42.24
N GLY A 45 14.48 13.14 -41.74
CA GLY A 45 14.63 13.53 -40.32
C GLY A 45 13.84 12.60 -39.43
N GLN A 46 12.65 12.18 -39.86
CA GLN A 46 11.85 11.16 -39.12
C GLN A 46 12.72 9.92 -38.93
N ARG A 47 13.31 9.42 -40.02
CA ARG A 47 14.12 8.17 -39.96
C ARG A 47 15.36 8.40 -39.07
N ARG A 48 16.00 9.56 -39.15
CA ARG A 48 17.24 9.80 -38.35
C ARG A 48 16.86 9.83 -36.86
N ALA A 49 15.76 10.48 -36.50
CA ALA A 49 15.30 10.54 -35.08
C ALA A 49 15.00 9.12 -34.58
N LEU A 50 14.28 8.33 -35.36
CA LEU A 50 13.93 6.95 -34.97
C LEU A 50 15.21 6.09 -34.87
N ASP A 51 16.13 6.23 -35.82
CA ASP A 51 17.39 5.46 -35.85
C ASP A 51 18.21 5.76 -34.58
N VAL A 52 18.43 7.04 -34.27
CA VAL A 52 19.31 7.36 -33.12
C VAL A 52 18.65 6.87 -31.83
N LEU A 53 17.31 6.85 -31.74
CA LEU A 53 16.65 6.36 -30.50
C LEU A 53 16.71 4.83 -30.45
N PHE A 54 16.36 4.13 -31.54
CA PHE A 54 16.02 2.68 -31.45
C PHE A 54 17.03 1.77 -32.15
N SER A 55 17.88 2.24 -33.05
CA SER A 55 18.76 1.30 -33.79
C SER A 55 19.70 0.54 -32.84
N THR A 56 19.68 -0.79 -32.94
CA THR A 56 20.51 -1.69 -32.09
C THR A 56 21.90 -1.84 -32.69
N THR A 57 22.15 -1.25 -33.85
CA THR A 57 23.47 -1.32 -34.54
C THR A 57 24.12 0.06 -34.59
N ASN A 58 23.33 1.13 -34.79
CA ASN A 58 23.88 2.48 -35.12
C ASN A 58 23.16 3.60 -34.36
N GLY A 59 22.41 3.28 -33.31
CA GLY A 59 21.77 4.29 -32.44
C GLY A 59 21.92 3.87 -30.99
N ALA A 60 21.03 4.36 -30.14
CA ALA A 60 21.08 4.07 -28.69
C ALA A 60 20.46 2.71 -28.38
N GLY A 61 19.81 2.04 -29.32
CA GLY A 61 19.26 0.70 -29.06
C GLY A 61 18.31 0.71 -27.87
N LEU A 62 17.52 1.78 -27.73
CA LEU A 62 16.55 1.85 -26.60
C LEU A 62 15.52 0.75 -26.74
N SER A 63 15.26 0.08 -25.62
CA SER A 63 14.51 -1.21 -25.58
C SER A 63 13.12 -1.05 -24.96
N ILE A 64 12.80 0.14 -24.44
CA ILE A 64 11.46 0.42 -23.83
C ILE A 64 10.95 1.74 -24.39
N LEU A 65 9.68 1.78 -24.76
CA LEU A 65 8.98 3.04 -25.07
C LEU A 65 7.86 3.22 -24.07
N ARG A 66 7.82 4.40 -23.45
CA ARG A 66 6.73 4.82 -22.54
C ARG A 66 5.84 5.82 -23.28
N ASN A 67 4.56 5.50 -23.41
CA ASN A 67 3.53 6.33 -24.08
C ASN A 67 2.55 6.86 -23.03
N GLY A 68 1.98 8.01 -23.32
CA GLY A 68 0.86 8.57 -22.53
C GLY A 68 -0.46 8.07 -23.06
N ILE A 69 -1.36 7.66 -22.17
CA ILE A 69 -2.76 7.32 -22.51
C ILE A 69 -3.53 8.64 -22.43
N GLY A 70 -3.76 9.27 -23.58
CA GLY A 70 -4.28 10.64 -23.67
C GLY A 70 -5.56 10.80 -22.89
N SER A 71 -5.66 11.89 -22.14
CA SER A 71 -6.81 12.17 -21.24
C SER A 71 -7.62 13.37 -21.73
N SER A 72 -7.14 14.12 -22.71
CA SER A 72 -7.68 15.45 -23.04
C SER A 72 -8.83 15.39 -24.04
N PRO A 73 -9.71 16.41 -24.02
CA PRO A 73 -10.86 16.45 -24.92
C PRO A 73 -10.51 16.79 -26.37
N ASP A 74 -9.30 17.30 -26.61
CA ASP A 74 -8.80 17.71 -27.94
C ASP A 74 -7.27 17.74 -27.95
N MET A 75 -6.69 18.10 -29.10
CA MET A 75 -5.22 18.21 -29.30
C MET A 75 -4.75 19.68 -29.26
N SER A 76 -5.51 20.54 -28.58
N SER A 76 -5.50 20.57 -28.59
CA SER A 76 -5.09 21.93 -28.24
CA SER A 76 -5.07 21.98 -28.42
C SER A 76 -3.67 21.87 -27.67
C SER A 76 -3.80 22.01 -27.58
N SER A 77 -2.88 22.92 -27.88
CA SER A 77 -1.58 23.04 -27.21
C SER A 77 -0.76 21.78 -27.50
N ASP A 78 -0.18 21.15 -26.48
CA ASP A 78 0.55 19.87 -26.62
C ASP A 78 -0.26 18.72 -26.00
N HIS A 79 -1.59 18.89 -25.88
CA HIS A 79 -2.42 17.90 -25.16
C HIS A 79 -2.50 16.60 -25.95
N MET A 80 -2.59 15.49 -25.24
CA MET A 80 -2.86 14.16 -25.84
C MET A 80 -4.37 13.91 -25.82
N VAL A 81 -5.00 13.88 -26.98
CA VAL A 81 -6.46 13.65 -27.07
C VAL A 81 -6.75 12.20 -26.70
N SER A 82 -7.78 12.02 -25.87
CA SER A 82 -8.31 10.72 -25.40
C SER A 82 -8.96 9.94 -26.55
N ILE A 83 -8.97 8.62 -26.42
CA ILE A 83 -9.78 7.70 -27.28
C ILE A 83 -11.28 7.87 -26.98
N ALA A 84 -11.66 8.45 -25.84
CA ALA A 84 -13.07 8.66 -25.45
C ALA A 84 -13.25 10.08 -24.95
N PRO A 85 -13.09 11.10 -25.83
CA PRO A 85 -13.13 12.49 -25.39
C PRO A 85 -14.52 12.98 -24.97
N LYS A 86 -15.61 12.39 -25.48
CA LYS A 86 -17.01 12.81 -25.18
C LYS A 86 -17.59 11.94 -24.07
N SER A 87 -18.18 12.57 -23.07
CA SER A 87 -18.86 11.90 -21.92
C SER A 87 -20.08 11.14 -22.43
N PRO A 88 -20.36 9.93 -21.92
CA PRO A 88 -21.63 9.26 -22.19
C PRO A 88 -22.73 9.71 -21.22
N GLY A 89 -22.46 10.72 -20.38
CA GLY A 89 -23.42 11.26 -19.40
C GLY A 89 -23.31 10.55 -18.06
N SER A 90 -23.43 9.23 -18.07
CA SER A 90 -23.52 8.36 -16.86
C SER A 90 -22.61 7.15 -17.05
N PRO A 91 -22.00 6.62 -15.98
CA PRO A 91 -21.10 5.46 -16.09
C PRO A 91 -21.84 4.17 -16.46
N ASN A 92 -23.17 4.18 -16.37
CA ASN A 92 -24.05 3.03 -16.72
C ASN A 92 -24.10 2.91 -18.25
N ASN A 93 -23.83 4.00 -18.97
CA ASN A 93 -23.92 4.08 -20.45
C ASN A 93 -22.59 3.60 -21.04
N PRO A 94 -22.59 2.82 -22.14
CA PRO A 94 -21.34 2.45 -22.78
C PRO A 94 -20.51 3.70 -23.12
N LEU A 95 -19.19 3.61 -22.94
CA LEU A 95 -18.27 4.70 -23.30
C LEU A 95 -18.34 4.89 -24.82
N ILE A 96 -18.14 6.12 -25.26
CA ILE A 96 -18.14 6.51 -26.70
C ILE A 96 -16.68 6.59 -27.15
N TYR A 97 -16.20 5.59 -27.86
CA TYR A 97 -14.82 5.58 -28.39
C TYR A 97 -14.81 6.29 -29.75
N SER A 98 -13.84 7.20 -29.92
CA SER A 98 -13.65 8.10 -31.08
C SER A 98 -12.19 7.95 -31.56
N TRP A 99 -11.78 6.74 -31.91
CA TRP A 99 -10.36 6.40 -32.26
C TRP A 99 -9.92 7.16 -33.51
N ASP A 100 -8.72 7.78 -33.46
CA ASP A 100 -8.22 8.60 -34.60
C ASP A 100 -7.12 7.84 -35.36
N GLY A 101 -6.83 6.58 -34.98
CA GLY A 101 -5.79 5.76 -35.63
C GLY A 101 -4.37 6.27 -35.39
N SER A 102 -4.19 7.25 -34.50
CA SER A 102 -2.89 7.96 -34.35
C SER A 102 -2.40 7.96 -32.89
N ASP A 103 -3.28 8.23 -31.93
CA ASP A 103 -2.88 8.34 -30.51
C ASP A 103 -1.73 9.37 -30.39
N ASN A 104 -1.95 10.56 -30.93
CA ASN A 104 -1.03 11.70 -30.73
C ASN A 104 0.36 11.34 -31.28
N LYS A 105 0.35 10.59 -32.39
CA LYS A 105 1.51 10.10 -33.18
C LYS A 105 2.36 9.12 -32.39
N GLN A 106 1.91 8.67 -31.21
CA GLN A 106 2.66 7.65 -30.44
C GLN A 106 2.50 6.28 -31.10
N LEU A 107 1.38 6.02 -31.78
CA LEU A 107 1.18 4.69 -32.40
C LEU A 107 2.25 4.48 -33.48
N TRP A 108 2.48 5.49 -34.30
CA TRP A 108 3.53 5.47 -35.34
C TRP A 108 4.90 5.23 -34.71
N VAL A 109 5.25 5.97 -33.66
CA VAL A 109 6.57 5.76 -33.00
C VAL A 109 6.62 4.31 -32.52
N SER A 110 5.54 3.82 -31.92
CA SER A 110 5.46 2.45 -31.38
C SER A 110 5.64 1.41 -32.50
N GLN A 111 4.96 1.60 -33.62
CA GLN A 111 5.01 0.66 -34.76
C GLN A 111 6.42 0.61 -35.31
N GLU A 112 7.08 1.75 -35.39
CA GLU A 112 8.49 1.79 -35.86
C GLU A 112 9.39 1.09 -34.84
N ALA A 113 9.27 1.46 -33.57
CA ALA A 113 10.10 0.84 -32.52
C ALA A 113 9.97 -0.69 -32.60
N VAL A 114 8.75 -1.19 -32.66
CA VAL A 114 8.48 -2.65 -32.62
C VAL A 114 8.88 -3.30 -33.96
N HIS A 115 8.31 -2.86 -35.07
CA HIS A 115 8.38 -3.60 -36.35
C HIS A 115 9.65 -3.26 -37.12
N THR A 116 10.18 -2.05 -36.97
CA THR A 116 11.45 -1.69 -37.65
C THR A 116 12.66 -2.07 -36.78
N TYR A 117 12.59 -1.86 -35.47
CA TYR A 117 13.82 -1.90 -34.62
C TYR A 117 13.79 -3.03 -33.59
N GLY A 118 12.70 -3.76 -33.44
CA GLY A 118 12.67 -4.98 -32.60
C GLY A 118 12.35 -4.71 -31.13
N VAL A 119 11.84 -3.53 -30.81
CA VAL A 119 11.43 -3.21 -29.40
C VAL A 119 10.25 -4.13 -29.03
N LYS A 120 10.30 -4.70 -27.83
CA LYS A 120 9.28 -5.66 -27.33
C LYS A 120 8.54 -5.14 -26.10
N THR A 121 8.97 -4.02 -25.51
CA THR A 121 8.38 -3.50 -24.26
C THR A 121 7.76 -2.13 -24.53
N ILE A 122 6.44 -2.04 -24.35
CA ILE A 122 5.64 -0.81 -24.57
C ILE A 122 4.85 -0.57 -23.29
N TYR A 123 5.23 0.49 -22.58
CA TYR A 123 4.60 0.89 -21.31
C TYR A 123 3.63 2.03 -21.59
N ALA A 124 2.33 1.81 -21.46
CA ALA A 124 1.30 2.86 -21.63
C ALA A 124 0.83 3.31 -20.24
N ASP A 125 0.90 4.61 -19.99
CA ASP A 125 0.60 5.19 -18.66
C ASP A 125 -0.35 6.37 -18.84
N ALA A 126 -1.49 6.34 -18.17
CA ALA A 126 -2.43 7.48 -18.09
C ALA A 126 -1.96 8.45 -17.01
N TRP A 127 -1.83 9.74 -17.38
N TRP A 127 -1.93 9.74 -17.37
CA TRP A 127 -1.59 10.86 -16.44
CA TRP A 127 -1.64 10.84 -16.42
C TRP A 127 -2.90 11.20 -15.71
C TRP A 127 -2.92 11.34 -15.77
N SER A 128 -4.04 10.99 -16.36
CA SER A 128 -5.39 11.31 -15.83
C SER A 128 -6.40 10.42 -16.52
N ALA A 129 -7.54 10.21 -15.86
CA ALA A 129 -8.78 9.76 -16.53
C ALA A 129 -9.30 10.93 -17.36
N PRO A 130 -10.21 10.69 -18.32
CA PRO A 130 -10.95 11.78 -18.95
C PRO A 130 -11.68 12.62 -17.88
N GLY A 131 -11.86 13.91 -18.15
CA GLY A 131 -12.39 14.86 -17.15
C GLY A 131 -13.75 14.45 -16.62
N TYR A 132 -14.62 13.87 -17.45
CA TYR A 132 -15.99 13.49 -17.06
C TYR A 132 -15.98 12.33 -16.04
N MET A 133 -14.84 11.65 -15.85
CA MET A 133 -14.71 10.56 -14.85
C MET A 133 -14.20 11.09 -13.51
N LYS A 134 -13.98 12.39 -13.37
CA LYS A 134 -13.24 12.94 -12.20
C LYS A 134 -14.09 13.89 -11.36
N THR A 135 -13.68 14.08 -10.11
CA THR A 135 -14.35 14.99 -9.14
C THR A 135 -14.40 16.44 -9.65
N ASN A 136 -13.40 16.87 -10.45
CA ASN A 136 -13.28 18.28 -10.91
C ASN A 136 -13.74 18.44 -12.37
N GLY A 137 -14.19 17.36 -13.02
CA GLY A 137 -14.69 17.41 -14.40
C GLY A 137 -13.64 17.87 -15.41
N ASN A 138 -12.35 17.64 -15.14
CA ASN A 138 -11.26 18.16 -15.99
C ASN A 138 -10.07 17.23 -15.89
N ASP A 139 -9.40 16.95 -17.00
CA ASP A 139 -8.24 16.03 -16.97
C ASP A 139 -7.03 16.75 -16.38
N ALA A 140 -7.05 18.08 -16.29
CA ALA A 140 -5.94 18.87 -15.69
C ALA A 140 -6.32 19.29 -14.28
N ASN A 141 -5.37 19.89 -13.57
CA ASN A 141 -5.60 20.55 -12.25
C ASN A 141 -6.04 19.51 -11.21
N GLY A 142 -5.44 18.32 -11.25
CA GLY A 142 -5.66 17.30 -10.21
C GLY A 142 -7.07 16.77 -10.26
N GLY A 143 -7.75 16.67 -9.12
CA GLY A 143 -9.01 15.93 -9.04
C GLY A 143 -8.74 14.43 -8.97
N THR A 144 -9.77 13.67 -8.65
CA THR A 144 -9.64 12.21 -8.38
C THR A 144 -10.70 11.48 -9.18
N LEU A 145 -10.43 10.22 -9.48
CA LEU A 145 -11.40 9.33 -10.17
C LEU A 145 -12.65 9.21 -9.31
N CYS A 146 -13.81 9.52 -9.91
CA CYS A 146 -15.13 9.41 -9.24
C CYS A 146 -15.39 7.98 -8.78
N GLY A 147 -15.77 7.82 -7.52
CA GLY A 147 -16.22 6.53 -6.98
C GLY A 147 -15.19 5.90 -6.04
N LEU A 148 -13.93 6.36 -6.07
CA LEU A 148 -12.91 5.91 -5.09
C LEU A 148 -13.36 6.39 -3.70
N SER A 149 -12.83 5.74 -2.68
CA SER A 149 -13.07 6.15 -1.28
C SER A 149 -12.69 7.63 -1.13
N GLY A 150 -13.64 8.44 -0.65
CA GLY A 150 -13.44 9.89 -0.43
C GLY A 150 -13.63 10.70 -1.71
N ALA A 151 -14.14 10.10 -2.78
CA ALA A 151 -14.31 10.77 -4.09
C ALA A 151 -15.64 10.37 -4.72
N GLN A 152 -16.74 10.47 -3.97
CA GLN A 152 -18.10 10.13 -4.46
C GLN A 152 -18.62 11.33 -5.27
N CYS A 153 -18.99 11.10 -6.52
CA CYS A 153 -19.45 12.15 -7.48
C CYS A 153 -20.96 12.05 -7.68
N ALA A 154 -21.61 13.21 -7.88
CA ALA A 154 -23.03 13.33 -8.32
C ALA A 154 -23.27 12.55 -9.62
N SER A 155 -22.30 12.54 -10.55
CA SER A 155 -22.43 11.93 -11.90
C SER A 155 -22.40 10.41 -11.82
N GLY A 156 -21.84 9.84 -10.75
CA GLY A 156 -21.81 8.38 -10.54
C GLY A 156 -20.42 7.84 -10.23
N ASP A 157 -20.33 6.51 -10.14
CA ASP A 157 -19.10 5.76 -9.83
C ASP A 157 -18.47 5.34 -11.15
N TRP A 158 -17.36 5.97 -11.52
CA TRP A 158 -16.68 5.78 -12.83
C TRP A 158 -15.51 4.79 -12.71
N ARG A 159 -15.33 4.07 -11.60
CA ARG A 159 -14.13 3.21 -11.43
C ARG A 159 -14.10 2.12 -12.50
N GLN A 160 -15.20 1.38 -12.67
CA GLN A 160 -15.23 0.26 -13.66
C GLN A 160 -15.07 0.87 -15.06
N ALA A 161 -15.74 2.00 -15.32
CA ALA A 161 -15.64 2.72 -16.61
C ALA A 161 -14.17 3.05 -16.91
N TYR A 162 -13.41 3.53 -15.93
CA TYR A 162 -11.98 3.86 -16.18
C TYR A 162 -11.20 2.58 -16.52
N ALA A 163 -11.45 1.48 -15.82
CA ALA A 163 -10.78 0.19 -16.09
C ALA A 163 -11.12 -0.28 -17.51
N ASP A 164 -12.40 -0.19 -17.89
CA ASP A 164 -12.88 -0.57 -19.24
C ASP A 164 -12.16 0.30 -20.28
N TYR A 165 -12.08 1.59 -20.01
CA TYR A 165 -11.39 2.58 -20.88
C TYR A 165 -9.92 2.21 -21.10
N LEU A 166 -9.18 1.91 -20.02
CA LEU A 166 -7.73 1.57 -20.15
C LEU A 166 -7.59 0.28 -20.97
N THR A 167 -8.45 -0.69 -20.70
CA THR A 167 -8.48 -1.97 -21.44
C THR A 167 -8.73 -1.68 -22.93
N LYS A 168 -9.67 -0.82 -23.25
CA LYS A 168 -9.99 -0.48 -24.66
C LYS A 168 -8.78 0.17 -25.34
N TYR A 169 -8.07 1.07 -24.66
CA TYR A 169 -6.86 1.70 -25.23
C TYR A 169 -5.88 0.59 -25.63
N VAL A 170 -5.67 -0.39 -24.76
CA VAL A 170 -4.73 -1.51 -25.04
C VAL A 170 -5.26 -2.28 -26.26
N GLU A 171 -6.57 -2.45 -26.36
CA GLU A 171 -7.21 -3.17 -27.49
C GLU A 171 -6.97 -2.39 -28.79
N PHE A 172 -7.11 -1.06 -28.78
CA PHE A 172 -6.87 -0.27 -30.02
C PHE A 172 -5.42 -0.45 -30.48
N TYR A 173 -4.46 -0.45 -29.57
CA TYR A 173 -3.04 -0.71 -29.91
C TYR A 173 -2.92 -2.10 -30.52
N GLN A 174 -3.51 -3.11 -29.88
CA GLN A 174 -3.44 -4.52 -30.32
C GLN A 174 -3.98 -4.64 -31.76
N GLU A 175 -5.09 -3.96 -32.04
CA GLU A 175 -5.72 -4.04 -33.39
C GLU A 175 -4.89 -3.24 -34.40
N SER A 176 -3.95 -2.42 -33.95
CA SER A 176 -2.97 -1.66 -34.79
C SER A 176 -1.59 -2.34 -34.77
N ASN A 177 -1.54 -3.61 -34.34
CA ASN A 177 -0.35 -4.51 -34.39
C ASN A 177 0.74 -4.07 -33.41
N VAL A 178 0.38 -3.50 -32.28
CA VAL A 178 1.34 -3.20 -31.19
C VAL A 178 0.80 -3.77 -29.89
N THR A 179 1.61 -4.55 -29.21
CA THR A 179 1.25 -5.15 -27.90
C THR A 179 1.74 -4.24 -26.78
N VAL A 180 0.81 -3.67 -26.02
CA VAL A 180 1.16 -2.93 -24.78
C VAL A 180 1.48 -4.00 -23.72
N THR A 181 2.66 -3.97 -23.13
CA THR A 181 3.13 -5.03 -22.20
C THR A 181 2.91 -4.60 -20.75
N HIS A 182 2.83 -3.31 -20.50
CA HIS A 182 2.75 -2.75 -19.13
C HIS A 182 1.78 -1.58 -19.16
N LEU A 183 0.98 -1.43 -18.11
CA LEU A 183 -0.17 -0.51 -18.11
C LEU A 183 -0.18 0.25 -16.78
N GLY A 184 -0.09 1.57 -16.84
CA GLY A 184 -0.22 2.47 -15.68
C GLY A 184 -1.47 3.33 -15.79
N PHE A 185 -2.02 3.73 -14.65
CA PHE A 185 -3.34 4.41 -14.60
C PHE A 185 -3.25 5.76 -13.90
N ILE A 186 -2.06 6.08 -13.38
CA ILE A 186 -1.76 7.41 -12.75
C ILE A 186 -0.33 7.82 -13.11
N ASN A 187 -0.06 9.10 -12.95
CA ASN A 187 1.31 9.66 -13.01
C ASN A 187 1.42 10.74 -11.93
N ALA A 188 2.51 10.76 -11.18
CA ALA A 188 2.73 11.80 -10.15
C ALA A 188 1.45 12.00 -9.33
N PRO A 189 0.89 10.93 -8.73
CA PRO A 189 -0.40 11.01 -8.06
C PRO A 189 -0.41 11.92 -6.82
N GLU A 190 0.77 12.32 -6.36
CA GLU A 190 0.95 13.28 -5.24
C GLU A 190 0.93 14.74 -5.73
N LEU A 191 0.87 15.00 -7.05
CA LEU A 191 1.09 16.34 -7.64
C LEU A 191 -0.13 16.77 -8.45
N THR A 192 -0.66 17.95 -8.12
CA THR A 192 -1.64 18.68 -8.95
C THR A 192 -0.85 19.58 -9.89
N THR A 193 -1.15 19.57 -11.19
CA THR A 193 -0.50 20.46 -12.18
C THR A 193 -1.52 21.12 -13.10
N SER A 194 -1.04 22.04 -13.94
CA SER A 194 -1.86 22.79 -14.91
C SER A 194 -2.12 21.94 -16.16
N TYR A 195 -1.48 20.77 -16.27
CA TYR A 195 -1.64 19.82 -17.40
C TYR A 195 -2.26 18.52 -16.86
N ALA A 196 -2.33 17.48 -17.68
CA ALA A 196 -2.96 16.20 -17.28
C ALA A 196 -2.35 15.75 -15.94
N SER A 197 -3.22 15.57 -14.95
CA SER A 197 -2.83 15.23 -13.56
C SER A 197 -4.06 14.67 -12.85
N MET A 198 -3.83 13.83 -11.87
CA MET A 198 -4.93 13.16 -11.16
C MET A 198 -4.35 12.66 -9.83
N ARG A 199 -5.03 13.01 -8.75
CA ARG A 199 -4.56 12.75 -7.37
C ARG A 199 -5.17 11.46 -6.84
N PHE A 200 -4.30 10.51 -6.53
CA PHE A 200 -4.64 9.27 -5.81
C PHE A 200 -3.71 9.18 -4.60
N SER A 201 -4.28 8.85 -3.45
CA SER A 201 -3.48 8.29 -2.33
C SER A 201 -3.02 6.87 -2.70
N ALA A 202 -2.06 6.34 -1.96
CA ALA A 202 -1.61 4.94 -2.12
C ALA A 202 -2.81 3.98 -1.89
N SER A 203 -3.66 4.26 -0.90
N SER A 203 -3.64 4.27 -0.89
CA SER A 203 -4.85 3.40 -0.63
CA SER A 203 -4.86 3.47 -0.60
C SER A 203 -5.82 3.44 -1.82
C SER A 203 -5.78 3.45 -1.82
N GLN A 204 -5.99 4.60 -2.46
CA GLN A 204 -6.87 4.71 -3.66
C GLN A 204 -6.25 3.92 -4.82
N ALA A 205 -4.93 3.95 -4.97
CA ALA A 205 -4.23 3.15 -6.01
C ALA A 205 -4.53 1.67 -5.78
N ALA A 206 -4.44 1.20 -4.55
CA ALA A 206 -4.71 -0.21 -4.22
C ALA A 206 -6.18 -0.52 -4.57
N GLU A 207 -7.12 0.35 -4.16
CA GLU A 207 -8.56 0.19 -4.44
C GLU A 207 -8.76 0.02 -5.95
N PHE A 208 -8.10 0.84 -6.74
CA PHE A 208 -8.32 0.80 -8.20
C PHE A 208 -7.67 -0.45 -8.81
N ILE A 209 -6.51 -0.86 -8.34
CA ILE A 209 -5.83 -2.10 -8.84
C ILE A 209 -6.77 -3.30 -8.65
N ARG A 210 -7.49 -3.35 -7.54
CA ARG A 210 -8.44 -4.46 -7.27
C ARG A 210 -9.57 -4.49 -8.32
N ILE A 211 -9.88 -3.36 -8.95
CA ILE A 211 -10.91 -3.24 -10.03
C ILE A 211 -10.25 -3.48 -11.40
N LEU A 212 -9.08 -2.89 -11.65
CA LEU A 212 -8.42 -2.99 -12.97
C LEU A 212 -7.95 -4.42 -13.23
N TYR A 213 -7.36 -5.10 -12.25
CA TYR A 213 -6.73 -6.43 -12.46
C TYR A 213 -7.78 -7.41 -12.99
N PRO A 214 -8.96 -7.62 -12.35
CA PRO A 214 -9.93 -8.56 -12.90
C PRO A 214 -10.49 -8.10 -14.25
N THR A 215 -10.55 -6.78 -14.50
CA THR A 215 -11.01 -6.24 -15.80
C THR A 215 -10.06 -6.72 -16.89
N ILE A 216 -8.75 -6.57 -16.70
CA ILE A 216 -7.73 -7.02 -17.68
C ILE A 216 -7.85 -8.54 -17.83
N GLN A 217 -7.92 -9.28 -16.72
CA GLN A 217 -7.90 -10.77 -16.74
C GLN A 217 -9.11 -11.32 -17.50
N LYS A 218 -10.27 -10.65 -17.43
CA LYS A 218 -11.54 -11.12 -18.06
C LYS A 218 -11.67 -10.60 -19.49
N SER A 219 -10.78 -9.70 -19.92
CA SER A 219 -10.87 -9.03 -21.25
C SER A 219 -10.54 -10.01 -22.37
N ASN A 220 -10.81 -9.58 -23.61
CA ASN A 220 -10.48 -10.32 -24.85
C ASN A 220 -9.04 -9.98 -25.29
N LEU A 221 -8.26 -9.21 -24.50
CA LEU A 221 -6.89 -8.84 -24.91
C LEU A 221 -6.08 -10.11 -25.17
N THR A 222 -5.32 -10.12 -26.26
CA THR A 222 -4.45 -11.27 -26.64
C THR A 222 -3.36 -11.45 -25.58
N TYR A 223 -2.73 -10.35 -25.16
CA TYR A 223 -1.69 -10.30 -24.11
C TYR A 223 -2.21 -9.43 -22.97
N LYS A 224 -2.32 -10.01 -21.77
CA LYS A 224 -2.74 -9.26 -20.56
C LYS A 224 -1.55 -8.44 -20.07
N PRO A 225 -1.57 -7.09 -20.17
CA PRO A 225 -0.44 -6.31 -19.71
C PRO A 225 -0.30 -6.38 -18.18
N THR A 226 0.95 -6.26 -17.73
CA THR A 226 1.31 -6.13 -16.32
C THR A 226 0.90 -4.74 -15.83
N ILE A 227 0.19 -4.67 -14.71
CA ILE A 227 -0.18 -3.36 -14.13
C ILE A 227 1.04 -2.78 -13.39
N ALA A 228 1.24 -1.48 -13.56
CA ALA A 228 2.33 -0.72 -12.90
C ALA A 228 1.72 0.25 -11.91
N CYS A 229 2.52 0.72 -10.95
CA CYS A 229 2.16 1.84 -10.06
C CYS A 229 3.43 2.39 -9.47
N CYS A 230 3.53 3.71 -9.24
CA CYS A 230 2.50 4.70 -9.45
C CYS A 230 3.11 5.93 -10.14
N ASP A 231 4.34 5.82 -10.64
CA ASP A 231 5.02 6.95 -11.34
C ASP A 231 5.03 8.18 -10.42
N ALA A 232 5.27 7.98 -9.14
CA ALA A 232 5.56 9.11 -8.24
C ALA A 232 6.81 9.83 -8.71
N GLU A 233 6.97 11.09 -8.30
CA GLU A 233 8.01 11.98 -8.86
C GLU A 233 9.39 11.70 -8.23
N GLY A 234 9.49 10.78 -7.27
CA GLY A 234 10.78 10.40 -6.69
C GLY A 234 10.74 9.04 -6.03
N TRP A 235 11.91 8.50 -5.73
CA TRP A 235 12.10 7.21 -5.04
C TRP A 235 11.42 7.28 -3.68
N ASN A 236 11.59 8.37 -2.94
CA ASN A 236 11.09 8.46 -1.54
C ASN A 236 9.55 8.42 -1.55
N SER A 237 8.92 9.21 -2.42
N SER A 237 8.95 9.23 -2.42
CA SER A 237 7.44 9.30 -2.48
CA SER A 237 7.48 9.36 -2.58
C SER A 237 6.87 7.97 -3.00
C SER A 237 6.90 7.99 -2.99
N GLN A 238 7.50 7.33 -3.99
CA GLN A 238 7.00 6.00 -4.42
C GLN A 238 7.15 4.99 -3.27
N ALA A 239 8.28 4.97 -2.58
CA ALA A 239 8.54 3.99 -1.50
C ALA A 239 7.46 4.17 -0.42
N GLY A 240 7.01 5.40 -0.20
CA GLY A 240 5.97 5.72 0.80
C GLY A 240 4.63 5.10 0.47
N MET A 241 4.43 4.70 -0.79
CA MET A 241 3.15 4.12 -1.27
C MET A 241 3.14 2.61 -1.12
N LEU A 242 4.29 1.98 -0.88
CA LEU A 242 4.40 0.51 -0.98
C LEU A 242 3.59 -0.19 0.11
N GLY A 243 3.47 0.40 1.30
CA GLY A 243 2.70 -0.23 2.38
C GLY A 243 1.28 -0.53 1.95
N ALA A 244 0.56 0.48 1.46
CA ALA A 244 -0.85 0.36 1.00
C ALA A 244 -0.90 -0.54 -0.24
N LEU A 245 0.12 -0.51 -1.09
CA LEU A 245 0.11 -1.36 -2.31
C LEU A 245 0.33 -2.83 -1.94
N SER A 246 0.88 -3.13 -0.75
CA SER A 246 1.34 -4.52 -0.45
C SER A 246 0.14 -5.46 -0.40
N SER A 247 -1.08 -4.98 -0.08
CA SER A 247 -2.28 -5.85 -0.07
C SER A 247 -2.63 -6.32 -1.48
N VAL A 248 -2.15 -5.65 -2.53
CA VAL A 248 -2.50 -5.99 -3.94
C VAL A 248 -1.25 -6.41 -4.73
N ASN A 249 -0.19 -6.87 -4.07
CA ASN A 249 1.04 -7.34 -4.77
C ASN A 249 0.71 -8.51 -5.71
N SER A 250 -0.36 -9.25 -5.48
CA SER A 250 -0.78 -10.36 -6.37
C SER A 250 -1.44 -9.84 -7.65
N MET A 251 -1.74 -8.54 -7.75
CA MET A 251 -2.60 -7.98 -8.83
C MET A 251 -1.86 -6.90 -9.62
N PHE A 252 -0.60 -6.62 -9.31
CA PHE A 252 0.25 -5.78 -10.20
C PHE A 252 1.68 -6.33 -10.15
N GLY A 253 2.51 -5.85 -11.07
CA GLY A 253 3.82 -6.51 -11.28
C GLY A 253 4.94 -5.57 -11.61
N LEU A 254 4.77 -4.27 -11.43
CA LEU A 254 5.84 -3.31 -11.74
C LEU A 254 5.67 -2.08 -10.85
N VAL A 255 6.75 -1.69 -10.18
CA VAL A 255 6.82 -0.41 -9.45
C VAL A 255 7.57 0.59 -10.33
N THR A 256 7.00 1.77 -10.45
CA THR A 256 7.59 2.85 -11.27
C THR A 256 7.73 4.11 -10.41
N ALA A 257 8.81 4.85 -10.65
CA ALA A 257 9.06 6.15 -10.01
C ALA A 257 10.02 6.97 -10.87
N HIS A 258 9.98 8.27 -10.66
CA HIS A 258 10.84 9.24 -11.37
C HIS A 258 12.03 9.65 -10.49
N ALA A 259 12.87 10.53 -11.01
CA ALA A 259 14.08 10.99 -10.29
C ALA A 259 14.08 12.51 -10.18
N TYR A 260 12.98 13.09 -9.69
CA TYR A 260 12.88 14.56 -9.55
C TYR A 260 12.89 14.95 -8.06
N THR A 261 11.91 14.48 -7.28
CA THR A 261 11.75 14.97 -5.88
C THR A 261 12.74 14.25 -4.96
N SER A 262 13.30 13.13 -5.40
CA SER A 262 14.42 12.43 -4.72
C SER A 262 15.09 11.50 -5.72
N GLN A 263 16.32 11.08 -5.43
CA GLN A 263 17.12 10.26 -6.36
C GLN A 263 17.02 8.78 -6.01
N PRO A 264 17.21 7.92 -7.04
CA PRO A 264 17.15 6.47 -6.85
C PRO A 264 18.44 5.94 -6.22
N GLY A 265 18.59 6.15 -4.92
CA GLY A 265 19.83 5.89 -4.19
C GLY A 265 19.70 4.81 -3.13
N PHE A 266 18.55 4.13 -3.06
CA PHE A 266 18.33 2.98 -2.14
C PHE A 266 17.40 1.98 -2.82
N SER A 267 17.42 0.73 -2.34
CA SER A 267 16.55 -0.36 -2.83
C SER A 267 15.18 -0.26 -2.15
N MET A 268 14.13 -0.14 -2.95
CA MET A 268 12.75 -0.18 -2.42
C MET A 268 12.41 -1.58 -1.93
N ASN A 269 11.64 -1.63 -0.83
CA ASN A 269 11.12 -2.88 -0.25
C ASN A 269 9.83 -3.29 -0.97
N THR A 270 9.98 -3.99 -2.09
CA THR A 270 8.86 -4.48 -2.93
C THR A 270 9.36 -5.74 -3.62
N PRO A 271 8.47 -6.73 -3.85
CA PRO A 271 8.84 -7.93 -4.59
C PRO A 271 8.97 -7.67 -6.10
N HIS A 272 8.45 -6.54 -6.57
CA HIS A 272 8.36 -6.28 -8.03
C HIS A 272 9.66 -5.69 -8.56
N PRO A 273 9.92 -5.83 -9.88
CA PRO A 273 10.93 -4.98 -10.51
C PRO A 273 10.52 -3.51 -10.34
N VAL A 274 11.54 -2.67 -10.22
CA VAL A 274 11.39 -1.20 -10.06
C VAL A 274 12.00 -0.52 -11.29
N TRP A 275 11.21 0.32 -11.95
CA TRP A 275 11.71 1.10 -13.11
C TRP A 275 11.80 2.57 -12.72
N MET A 276 12.90 3.20 -13.09
CA MET A 276 13.01 4.67 -13.06
C MET A 276 12.48 5.17 -14.42
N THR A 277 11.24 5.64 -14.45
CA THR A 277 10.50 5.86 -15.72
C THR A 277 10.56 7.30 -16.23
N ALA A 278 11.23 8.22 -15.54
CA ALA A 278 11.45 9.58 -16.05
C ALA A 278 12.49 10.32 -15.21
N ALA A 279 13.51 10.84 -15.90
CA ALA A 279 14.48 11.76 -15.32
C ALA A 279 14.95 12.68 -16.44
N ALA A 280 15.43 13.86 -16.07
CA ALA A 280 15.98 14.83 -17.03
C ALA A 280 16.52 16.05 -16.30
N ASP A 281 17.38 16.79 -17.00
CA ASP A 281 17.80 18.14 -16.56
C ASP A 281 16.78 19.11 -17.17
N LEU A 282 15.59 19.24 -16.58
CA LEU A 282 14.42 19.91 -17.21
C LEU A 282 14.69 21.39 -17.47
N GLN A 283 15.43 22.06 -16.57
CA GLN A 283 15.60 23.53 -16.54
C GLN A 283 16.90 23.94 -17.25
N GLY A 284 17.85 23.01 -17.42
CA GLY A 284 19.22 23.32 -17.90
C GLY A 284 19.25 23.74 -19.36
N ALA A 285 20.05 24.75 -19.68
CA ALA A 285 20.26 25.24 -21.05
C ALA A 285 20.87 24.09 -21.86
N TRP A 286 20.40 23.91 -23.09
CA TRP A 286 20.83 22.78 -23.95
C TRP A 286 22.36 22.66 -23.94
N THR A 287 22.84 21.45 -23.72
CA THR A 287 24.23 21.08 -24.05
C THR A 287 24.22 19.73 -24.74
N SER A 288 25.10 19.56 -25.71
CA SER A 288 25.34 18.28 -26.43
CA SER A 288 25.31 18.26 -26.40
C SER A 288 26.59 17.60 -25.90
N ALA A 289 27.33 18.25 -24.99
CA ALA A 289 28.66 17.79 -24.57
C ALA A 289 28.57 16.53 -23.71
N TRP A 290 29.61 15.72 -23.80
CA TRP A 290 29.80 14.56 -22.90
C TRP A 290 30.36 15.04 -21.56
N TYR A 291 31.45 15.80 -21.58
CA TYR A 291 32.03 16.30 -20.31
C TYR A 291 32.58 17.71 -20.51
N SER A 292 32.18 18.60 -19.59
CA SER A 292 32.71 19.97 -19.46
C SER A 292 33.19 20.15 -18.02
N TYR A 293 32.34 19.92 -17.01
CA TYR A 293 32.72 20.02 -15.58
C TYR A 293 31.92 19.09 -14.67
N GLY A 294 31.08 18.23 -15.24
CA GLY A 294 30.17 17.36 -14.47
C GLY A 294 28.86 18.04 -14.19
N GLY A 295 28.48 19.02 -15.03
CA GLY A 295 27.19 19.74 -14.91
C GLY A 295 25.97 18.86 -15.17
N ALA A 296 24.80 19.39 -14.82
CA ALA A 296 23.54 18.61 -14.71
C ALA A 296 23.10 18.05 -16.07
N GLY A 297 23.54 18.64 -17.19
CA GLY A 297 23.09 18.26 -18.54
C GLY A 297 24.08 17.38 -19.29
N GLU A 298 25.26 17.14 -18.73
CA GLU A 298 26.37 16.51 -19.49
C GLU A 298 26.13 15.02 -19.67
N GLY A 299 26.55 14.48 -20.81
CA GLY A 299 26.40 13.03 -21.05
C GLY A 299 27.08 12.19 -19.97
N TRP A 300 28.27 12.58 -19.55
CA TRP A 300 29.02 11.95 -18.43
C TRP A 300 28.12 11.84 -17.19
N THR A 301 27.47 12.93 -16.84
CA THR A 301 26.64 13.00 -15.62
C THR A 301 25.53 11.98 -15.76
N TRP A 302 24.93 11.90 -16.94
CA TRP A 302 23.77 11.00 -17.16
C TRP A 302 24.24 9.54 -17.22
N ALA A 303 25.42 9.25 -17.74
CA ALA A 303 25.97 7.87 -17.66
C ALA A 303 26.06 7.45 -16.18
N ASN A 304 26.53 8.35 -15.34
CA ASN A 304 26.66 8.12 -13.89
C ASN A 304 25.28 8.04 -13.21
N ASN A 305 24.31 8.85 -13.62
CA ASN A 305 22.95 8.79 -13.04
C ASN A 305 22.37 7.40 -13.30
N VAL A 306 22.60 6.84 -14.49
CA VAL A 306 22.08 5.47 -14.80
C VAL A 306 22.77 4.47 -13.87
N TYR A 307 24.08 4.58 -13.77
CA TYR A 307 24.88 3.71 -12.87
C TYR A 307 24.27 3.73 -11.47
N ASN A 308 24.02 4.93 -10.95
CA ASN A 308 23.56 5.08 -9.56
C ASN A 308 22.18 4.43 -9.41
N ALA A 309 21.28 4.65 -10.37
CA ALA A 309 19.91 4.09 -10.30
C ALA A 309 19.98 2.57 -10.27
N ILE A 310 20.83 1.97 -11.08
CA ILE A 310 20.93 0.49 -11.16
C ILE A 310 21.64 -0.04 -9.92
N VAL A 311 22.79 0.49 -9.59
CA VAL A 311 23.66 -0.14 -8.56
C VAL A 311 23.15 0.22 -7.16
N ASN A 312 22.74 1.47 -6.97
CA ASN A 312 22.31 1.96 -5.63
C ASN A 312 20.79 1.94 -5.49
N GLY A 313 20.06 2.20 -6.57
CA GLY A 313 18.59 2.26 -6.56
C GLY A 313 17.95 0.92 -6.87
N ASN A 314 18.74 -0.09 -7.23
CA ASN A 314 18.24 -1.44 -7.61
C ASN A 314 17.20 -1.35 -8.74
N ALA A 315 17.37 -0.41 -9.67
CA ALA A 315 16.43 -0.22 -10.79
C ALA A 315 16.64 -1.32 -11.84
N SER A 316 15.53 -1.80 -12.42
CA SER A 316 15.52 -2.76 -13.54
C SER A 316 15.39 -2.05 -14.88
N ALA A 317 15.05 -0.76 -14.90
CA ALA A 317 14.98 0.00 -16.17
C ALA A 317 15.25 1.47 -15.88
N TYR A 318 15.66 2.19 -16.92
CA TYR A 318 15.99 3.61 -16.81
C TYR A 318 15.46 4.28 -18.08
N LEU A 319 14.52 5.19 -17.91
CA LEU A 319 13.96 5.99 -19.02
C LEU A 319 14.24 7.49 -18.79
N TYR A 320 14.87 8.11 -19.76
CA TYR A 320 14.92 9.58 -19.84
C TYR A 320 13.50 10.09 -20.11
N TRP A 321 13.20 11.29 -19.67
CA TRP A 321 11.84 11.90 -19.82
C TRP A 321 11.41 11.86 -21.29
N ILE A 322 12.10 12.56 -22.18
CA ILE A 322 11.72 12.67 -23.61
C ILE A 322 12.92 12.34 -24.50
N GLY A 323 12.63 11.70 -25.62
CA GLY A 323 13.67 11.37 -26.60
C GLY A 323 14.02 12.56 -27.47
N ALA A 324 13.25 12.76 -28.53
CA ALA A 324 13.38 13.88 -29.50
C ALA A 324 12.27 14.89 -29.25
N GLN A 325 12.65 16.17 -29.29
CA GLN A 325 11.76 17.32 -29.05
C GLN A 325 12.48 18.55 -29.60
N THR A 326 11.71 19.58 -29.92
CA THR A 326 12.21 20.96 -30.14
C THR A 326 12.55 21.60 -28.79
N GLY A 327 13.16 22.77 -28.77
CA GLY A 327 13.35 23.54 -27.52
C GLY A 327 14.80 23.51 -27.04
N ASN A 328 15.11 24.46 -26.15
CA ASN A 328 16.49 24.86 -25.79
C ASN A 328 16.86 24.40 -24.38
N THR A 329 16.17 23.40 -23.81
CA THR A 329 16.55 22.85 -22.48
C THR A 329 16.95 21.37 -22.62
N ASN A 330 17.52 20.82 -21.56
CA ASN A 330 17.96 19.41 -21.49
C ASN A 330 16.82 18.49 -21.01
N SER A 331 15.56 18.85 -21.26
CA SER A 331 14.40 17.98 -20.98
C SER A 331 14.42 16.74 -21.88
N HIS A 332 15.19 16.75 -22.97
CA HIS A 332 15.19 15.71 -24.01
C HIS A 332 16.62 15.32 -24.38
N MET A 333 16.75 14.21 -25.08
CA MET A 333 18.08 13.68 -25.46
C MET A 333 18.47 14.08 -26.89
N VAL A 334 17.49 14.33 -27.75
CA VAL A 334 17.73 14.56 -29.19
C VAL A 334 17.02 15.85 -29.60
N HIS A 335 17.78 16.80 -30.11
CA HIS A 335 17.25 18.13 -30.50
C HIS A 335 16.66 18.06 -31.91
N ILE A 336 15.42 18.53 -32.06
CA ILE A 336 14.76 18.77 -33.36
C ILE A 336 14.83 20.26 -33.66
N ASP A 337 15.31 20.62 -34.86
CA ASP A 337 15.14 21.99 -35.41
C ASP A 337 14.00 21.91 -36.43
N ALA A 338 12.79 22.35 -36.02
CA ALA A 338 11.52 22.17 -36.77
C ALA A 338 11.63 22.84 -38.14
N ASN A 339 12.19 24.06 -38.18
CA ASN A 339 12.41 24.85 -39.42
C ASN A 339 13.26 24.07 -40.41
N ALA A 340 14.48 23.71 -39.99
CA ALA A 340 15.60 23.19 -40.79
C ALA A 340 15.43 21.68 -41.07
N GLY A 341 14.59 21.02 -40.28
CA GLY A 341 14.32 19.57 -40.41
C GLY A 341 15.51 18.73 -39.97
N THR A 342 16.32 19.27 -39.05
CA THR A 342 17.56 18.63 -38.55
C THR A 342 17.32 17.97 -37.20
N VAL A 343 18.09 16.92 -36.96
CA VAL A 343 18.04 16.05 -35.77
C VAL A 343 19.46 15.98 -35.22
N GLU A 344 19.68 16.41 -33.98
CA GLU A 344 21.01 16.42 -33.35
C GLU A 344 20.97 15.71 -32.00
N PRO A 345 21.53 14.48 -31.92
CA PRO A 345 21.62 13.78 -30.64
C PRO A 345 22.64 14.45 -29.70
N SER A 346 22.25 14.63 -28.45
CA SER A 346 23.18 15.02 -27.37
C SER A 346 23.97 13.80 -26.90
N LYS A 347 25.03 14.06 -26.15
CA LYS A 347 25.78 12.96 -25.51
C LYS A 347 24.98 12.33 -24.38
N ARG A 348 23.83 12.90 -23.96
CA ARG A 348 22.90 12.17 -23.05
C ARG A 348 22.28 11.00 -23.81
N LEU A 349 21.92 11.19 -25.08
CA LEU A 349 21.43 10.03 -25.87
C LEU A 349 22.50 8.94 -25.87
N TRP A 350 23.75 9.30 -26.20
CA TRP A 350 24.82 8.29 -26.33
C TRP A 350 25.14 7.67 -24.96
N ALA A 351 25.01 8.42 -23.86
CA ALA A 351 25.18 7.85 -22.50
C ALA A 351 24.18 6.70 -22.32
N LEU A 352 22.90 6.95 -22.56
CA LEU A 352 21.87 5.91 -22.36
C LEU A 352 22.12 4.77 -23.35
N GLY A 353 22.52 5.09 -24.59
CA GLY A 353 22.85 4.04 -25.59
C GLY A 353 24.03 3.19 -25.19
N GLN A 354 25.04 3.78 -24.59
CA GLN A 354 26.26 3.06 -24.14
C GLN A 354 25.87 1.99 -23.10
N TRP A 355 24.76 2.19 -22.40
CA TRP A 355 24.12 1.14 -21.58
C TRP A 355 23.30 0.20 -22.47
N SER A 356 22.30 0.75 -23.15
CA SER A 356 21.18 -0.01 -23.75
C SER A 356 21.66 -0.91 -24.90
N ARG A 357 22.67 -0.50 -25.64
CA ARG A 357 23.14 -1.30 -26.82
C ARG A 357 23.67 -2.65 -26.37
N PHE A 358 24.17 -2.75 -25.15
CA PHE A 358 24.96 -3.92 -24.69
C PHE A 358 24.30 -4.64 -23.53
N VAL A 359 23.48 -3.94 -22.75
CA VAL A 359 22.74 -4.53 -21.61
C VAL A 359 21.30 -4.69 -22.10
N ARG A 360 21.03 -5.85 -22.69
CA ARG A 360 19.76 -6.08 -23.40
C ARG A 360 18.73 -6.59 -22.42
N PRO A 361 17.43 -6.43 -22.76
CA PRO A 361 16.37 -6.94 -21.90
C PRO A 361 16.62 -8.38 -21.43
N GLY A 362 16.35 -8.60 -20.16
CA GLY A 362 16.53 -9.91 -19.51
C GLY A 362 17.93 -10.11 -18.93
N ALA A 363 18.84 -9.17 -19.13
CA ALA A 363 20.20 -9.28 -18.56
C ALA A 363 20.09 -9.35 -17.03
N ARG A 364 21.00 -10.09 -16.43
CA ARG A 364 21.10 -10.22 -14.97
C ARG A 364 22.35 -9.46 -14.53
N ARG A 365 22.18 -8.50 -13.62
CA ARG A 365 23.35 -7.84 -13.05
C ARG A 365 24.12 -8.87 -12.22
N VAL A 366 25.44 -8.85 -12.32
CA VAL A 366 26.34 -9.82 -11.65
C VAL A 366 27.50 -9.05 -11.02
N ALA A 367 28.18 -9.68 -10.09
CA ALA A 367 29.27 -9.03 -9.34
C ALA A 367 30.48 -8.87 -10.26
N VAL A 368 31.15 -7.73 -10.14
CA VAL A 368 32.49 -7.55 -10.74
C VAL A 368 33.41 -6.89 -9.71
N SER A 369 34.64 -7.36 -9.61
CA SER A 369 35.62 -6.87 -8.62
C SER A 369 36.91 -6.44 -9.31
N GLY A 370 37.66 -5.56 -8.68
CA GLY A 370 39.03 -5.21 -9.10
C GLY A 370 39.19 -3.75 -9.46
N ALA A 371 38.09 -2.98 -9.52
CA ALA A 371 38.10 -1.55 -9.89
C ALA A 371 39.08 -0.76 -9.01
N SER A 372 39.97 0.03 -9.65
CA SER A 372 40.81 1.07 -9.01
C SER A 372 39.94 2.31 -8.67
N GLY A 373 40.49 3.31 -8.00
CA GLY A 373 39.74 4.47 -7.46
C GLY A 373 38.99 5.29 -8.53
N SER A 374 39.58 5.44 -9.72
N SER A 374 39.59 5.43 -9.72
CA SER A 374 39.03 6.28 -10.81
CA SER A 374 39.08 6.25 -10.85
C SER A 374 38.01 5.52 -11.67
C SER A 374 38.08 5.50 -11.73
N LEU A 375 37.82 4.22 -11.42
CA LEU A 375 36.89 3.37 -12.20
C LEU A 375 35.68 3.03 -11.34
N ARG A 376 34.49 3.20 -11.91
CA ARG A 376 33.26 2.59 -11.36
C ARG A 376 32.80 1.56 -12.38
N THR A 377 32.47 0.37 -11.89
CA THR A 377 32.21 -0.80 -12.74
C THR A 377 30.91 -1.48 -12.34
N ALA A 378 30.29 -2.11 -13.31
CA ALA A 378 29.14 -2.99 -13.13
C ALA A 378 29.19 -4.00 -14.25
N ALA A 379 28.53 -5.13 -14.05
CA ALA A 379 28.56 -6.24 -15.02
C ALA A 379 27.18 -6.86 -15.17
N PHE A 380 26.90 -7.36 -16.36
CA PHE A 380 25.56 -7.86 -16.75
C PHE A 380 25.74 -9.10 -17.61
N ARG A 381 25.02 -10.16 -17.24
CA ARG A 381 24.98 -11.40 -18.03
C ARG A 381 23.72 -11.35 -18.87
N ASN A 382 23.87 -11.22 -20.18
CA ASN A 382 22.71 -11.21 -21.07
C ASN A 382 22.13 -12.62 -21.19
N GLU A 383 20.89 -12.67 -21.66
CA GLU A 383 20.18 -13.95 -21.87
C GLU A 383 20.96 -14.86 -22.83
N ASP A 384 21.71 -14.29 -23.76
CA ASP A 384 22.49 -15.05 -24.77
C ASP A 384 23.86 -15.45 -24.19
N GLY A 385 24.14 -15.16 -22.92
CA GLY A 385 25.41 -15.55 -22.28
C GLY A 385 26.54 -14.54 -22.52
N SER A 386 26.33 -13.52 -23.35
CA SER A 386 27.32 -12.41 -23.47
C SER A 386 27.36 -11.65 -22.14
N VAL A 387 28.54 -11.21 -21.75
CA VAL A 387 28.77 -10.53 -20.46
C VAL A 387 29.26 -9.12 -20.78
N ALA A 388 28.43 -8.13 -20.48
CA ALA A 388 28.73 -6.71 -20.70
C ALA A 388 29.29 -6.11 -19.40
N VAL A 389 30.51 -5.60 -19.46
CA VAL A 389 31.18 -4.94 -18.31
C VAL A 389 31.27 -3.44 -18.61
N VAL A 390 30.59 -2.67 -17.77
CA VAL A 390 30.54 -1.20 -17.83
C VAL A 390 31.71 -0.67 -17.01
N VAL A 391 32.50 0.22 -17.60
CA VAL A 391 33.62 0.88 -16.93
C VAL A 391 33.45 2.39 -17.14
N ILE A 392 33.18 3.11 -16.05
CA ILE A 392 33.09 4.58 -16.08
C ILE A 392 34.40 5.11 -15.48
N ASN A 393 35.18 5.78 -16.32
CA ASN A 393 36.56 6.18 -15.98
C ASN A 393 36.64 7.69 -15.81
N SER A 394 36.88 8.15 -14.57
CA SER A 394 36.98 9.61 -14.27
CA SER A 394 37.00 9.60 -14.21
C SER A 394 38.43 10.10 -14.45
N GLY A 395 39.37 9.18 -14.65
CA GLY A 395 40.80 9.52 -14.76
C GLY A 395 41.27 9.56 -16.21
N GLY A 396 42.58 9.52 -16.41
CA GLY A 396 43.18 9.39 -17.74
C GLY A 396 42.97 8.01 -18.34
N ASP A 397 43.45 7.83 -19.56
CA ASP A 397 43.42 6.50 -20.22
C ASP A 397 43.87 5.45 -19.20
N ALA A 398 43.13 4.36 -19.09
CA ALA A 398 43.37 3.25 -18.13
C ALA A 398 43.43 1.91 -18.87
N ALA A 399 44.57 1.23 -18.79
CA ALA A 399 44.75 -0.15 -19.27
C ALA A 399 43.95 -1.08 -18.36
N VAL A 400 42.96 -1.79 -18.92
CA VAL A 400 42.08 -2.69 -18.13
C VAL A 400 42.06 -4.07 -18.78
N ASN A 401 42.07 -5.10 -17.95
CA ASN A 401 41.86 -6.50 -18.35
C ASN A 401 40.48 -6.90 -17.84
N VAL A 402 39.73 -7.62 -18.64
CA VAL A 402 38.35 -8.02 -18.25
C VAL A 402 38.27 -9.54 -18.43
N ARG A 403 37.85 -10.23 -17.38
CA ARG A 403 37.83 -11.71 -17.39
C ARG A 403 36.68 -12.21 -16.53
N LEU A 404 36.29 -13.46 -16.71
CA LEU A 404 35.41 -14.14 -15.73
C LEU A 404 36.25 -14.74 -14.61
N ALA A 405 35.63 -14.95 -13.45
CA ALA A 405 36.23 -15.65 -12.31
C ALA A 405 36.64 -17.06 -12.76
N SER A 406 37.74 -17.57 -12.19
CA SER A 406 38.34 -18.88 -12.56
C SER A 406 37.34 -20.01 -12.28
N SER A 407 36.37 -19.78 -11.37
CA SER A 407 35.33 -20.77 -11.01
C SER A 407 34.28 -20.92 -12.13
N SER A 408 34.27 -20.04 -13.13
CA SER A 408 33.34 -20.12 -14.29
C SER A 408 33.52 -21.48 -14.99
N SER A 409 32.44 -22.06 -15.52
CA SER A 409 32.55 -23.27 -16.36
C SER A 409 33.21 -22.83 -17.68
N ALA A 410 33.98 -23.72 -18.30
CA ALA A 410 34.82 -23.38 -19.47
C ALA A 410 33.95 -22.85 -20.61
N ASP A 411 32.68 -23.30 -20.72
CA ASP A 411 31.79 -22.92 -21.84
C ASP A 411 31.06 -21.59 -21.59
N GLN A 412 31.18 -21.02 -20.37
CA GLN A 412 30.72 -19.64 -20.06
C GLN A 412 31.82 -18.64 -20.49
N GLN A 413 33.06 -19.13 -20.60
CA GLN A 413 34.25 -18.30 -20.91
C GLN A 413 34.10 -17.75 -22.33
N PRO A 414 34.53 -16.50 -22.58
CA PRO A 414 34.45 -15.92 -23.90
C PRO A 414 35.33 -16.67 -24.90
N ALA A 415 34.85 -16.74 -26.14
CA ALA A 415 35.66 -17.10 -27.32
C ALA A 415 36.10 -15.83 -28.06
N SER A 416 35.43 -14.71 -27.79
CA SER A 416 35.75 -13.42 -28.46
C SER A 416 35.33 -12.28 -27.54
N ALA A 417 35.77 -11.07 -27.88
CA ALA A 417 35.39 -9.86 -27.13
C ALA A 417 35.39 -8.65 -28.05
N LYS A 418 34.51 -7.71 -27.74
CA LYS A 418 34.50 -6.39 -28.37
C LYS A 418 34.40 -5.34 -27.28
N ALA A 419 34.65 -4.10 -27.65
CA ALA A 419 34.52 -2.98 -26.72
C ALA A 419 34.10 -1.73 -27.49
N TRP A 420 33.34 -0.89 -26.82
CA TRP A 420 32.87 0.40 -27.36
C TRP A 420 33.03 1.45 -26.28
N ALA A 421 33.29 2.69 -26.68
CA ALA A 421 33.41 3.82 -25.74
C ALA A 421 32.62 5.02 -26.24
N THR A 422 32.16 5.82 -25.27
CA THR A 422 31.58 7.14 -25.48
C THR A 422 32.38 8.13 -24.63
N ASP A 423 32.75 9.26 -25.22
CA ASP A 423 33.48 10.32 -24.51
C ASP A 423 33.27 11.59 -25.32
N ASN A 424 34.10 12.62 -25.10
CA ASN A 424 33.90 13.91 -25.81
C ASN A 424 34.03 13.75 -27.32
N SER A 425 34.79 12.77 -27.81
CA SER A 425 35.02 12.64 -29.28
C SER A 425 34.37 11.39 -29.87
N ARG A 426 33.84 10.47 -29.07
CA ARG A 426 33.33 9.16 -29.53
C ARG A 426 31.86 9.01 -29.15
N ALA A 427 31.04 8.49 -30.06
CA ALA A 427 29.64 8.09 -29.79
C ALA A 427 29.51 6.58 -30.02
N ILE A 428 29.53 5.82 -28.93
CA ILE A 428 29.48 4.35 -28.95
C ILE A 428 30.37 3.84 -30.11
N GLU A 429 31.63 4.22 -30.05
CA GLU A 429 32.63 3.91 -31.09
C GLU A 429 33.39 2.67 -30.65
N GLU A 430 33.55 1.71 -31.57
CA GLU A 430 34.32 0.49 -31.28
C GLU A 430 35.77 0.89 -30.98
N ILE A 431 36.34 0.30 -29.94
CA ILE A 431 37.78 0.40 -29.60
C ILE A 431 38.37 -1.01 -29.55
N GLN A 432 39.69 -1.09 -29.53
CA GLN A 432 40.41 -2.37 -29.57
C GLN A 432 40.09 -3.18 -28.30
N ALA A 433 39.72 -4.44 -28.47
CA ALA A 433 39.61 -5.42 -27.38
C ALA A 433 40.51 -6.60 -27.74
N SER A 434 41.76 -6.53 -27.31
CA SER A 434 42.75 -7.60 -27.60
C SER A 434 42.41 -8.80 -26.71
N PHE A 435 42.23 -9.95 -27.32
CA PHE A 435 41.62 -11.10 -26.65
C PHE A 435 42.62 -12.25 -26.63
N ALA A 436 42.96 -12.70 -25.42
CA ALA A 436 44.01 -13.72 -25.18
C ALA A 436 43.47 -14.71 -24.15
N ASP A 437 43.09 -15.91 -24.57
CA ASP A 437 42.82 -17.04 -23.64
C ASP A 437 41.81 -16.57 -22.59
N GLY A 438 40.70 -15.97 -23.01
CA GLY A 438 39.56 -15.64 -22.12
C GLY A 438 39.63 -14.25 -21.52
N VAL A 439 40.71 -13.50 -21.76
CA VAL A 439 40.92 -12.16 -21.17
C VAL A 439 40.86 -11.10 -22.28
N ALA A 440 40.00 -10.11 -22.10
CA ALA A 440 39.92 -8.94 -23.00
C ALA A 440 40.78 -7.83 -22.42
N THR A 441 41.71 -7.27 -23.20
CA THR A 441 42.55 -6.14 -22.76
C THR A 441 42.18 -4.91 -23.58
N VAL A 442 41.89 -3.81 -22.87
N VAL A 442 41.79 -3.85 -22.87
CA VAL A 442 41.24 -2.61 -23.45
CA VAL A 442 41.30 -2.60 -23.49
C VAL A 442 41.88 -1.37 -22.84
C VAL A 442 42.06 -1.43 -22.88
N ASN A 443 42.18 -0.36 -23.66
CA ASN A 443 42.60 0.96 -23.19
C ASN A 443 41.33 1.80 -23.01
N VAL A 444 40.84 1.88 -21.78
CA VAL A 444 39.60 2.63 -21.45
C VAL A 444 39.92 4.12 -21.55
N PRO A 445 39.33 4.84 -22.52
CA PRO A 445 39.71 6.24 -22.67
C PRO A 445 39.41 7.11 -21.44
N SER A 446 40.22 8.18 -21.29
N SER A 446 40.23 8.15 -21.27
CA SER A 446 40.03 9.28 -20.32
CA SER A 446 40.04 9.19 -20.23
C SER A 446 38.55 9.71 -20.28
C SER A 446 38.59 9.71 -20.25
N ARG A 447 37.97 9.85 -19.08
CA ARG A 447 36.64 10.47 -18.89
C ARG A 447 35.65 9.87 -19.89
N SER A 448 35.54 8.55 -19.88
CA SER A 448 34.68 7.80 -20.82
C SER A 448 33.78 6.87 -20.05
N MET A 449 32.73 6.43 -20.75
CA MET A 449 32.03 5.19 -20.40
C MET A 449 32.37 4.17 -21.49
N THR A 450 33.02 3.11 -21.07
CA THR A 450 33.43 2.00 -21.95
C THR A 450 32.61 0.77 -21.58
N THR A 451 32.11 0.04 -22.56
CA THR A 451 31.48 -1.27 -22.32
C THR A 451 32.28 -2.35 -23.04
N VAL A 452 32.77 -3.32 -22.28
CA VAL A 452 33.54 -4.46 -22.81
C VAL A 452 32.59 -5.66 -22.79
N VAL A 453 32.46 -6.35 -23.92
CA VAL A 453 31.52 -7.49 -24.01
C VAL A 453 32.31 -8.76 -24.31
N LEU A 454 32.13 -9.73 -23.44
CA LEU A 454 32.74 -11.07 -23.55
C LEU A 454 31.69 -11.99 -24.15
N TYR A 455 32.00 -12.61 -25.28
CA TYR A 455 31.05 -13.45 -26.03
C TYR A 455 31.46 -14.91 -25.99
N PRO A 456 30.59 -15.79 -25.48
CA PRO A 456 30.88 -17.22 -25.54
C PRO A 456 30.83 -17.70 -26.99
N ALA A 457 31.30 -18.92 -27.22
CA ALA A 457 31.30 -19.54 -28.56
C ALA A 457 29.86 -19.71 -29.06
N ALA A 458 28.92 -20.06 -28.17
CA ALA A 458 27.51 -20.35 -28.52
C ALA A 458 27.52 -21.48 -29.57
N ASP A 459 26.80 -21.34 -30.69
CA ASP A 459 26.69 -22.43 -31.71
C ASP A 459 27.75 -22.28 -32.81
N ALA A 460 28.67 -21.30 -32.71
CA ALA A 460 29.70 -21.07 -33.76
C ALA A 460 30.87 -22.03 -33.57
N LEU A 461 31.32 -22.63 -34.69
CA LEU A 461 32.63 -23.32 -34.81
C LEU A 461 33.63 -22.34 -35.41
N GLY B 9 -43.75 3.37 0.11
CA GLY B 9 -43.11 2.28 0.90
C GLY B 9 -42.66 2.77 2.26
N THR B 10 -41.60 2.17 2.82
CA THR B 10 -41.01 2.57 4.12
C THR B 10 -39.99 3.68 3.85
N THR B 11 -40.21 4.87 4.42
CA THR B 11 -39.28 6.02 4.36
C THR B 11 -38.52 6.08 5.69
N LEU B 12 -37.20 6.00 5.65
CA LEU B 12 -36.32 6.22 6.83
C LEU B 12 -35.78 7.65 6.75
N THR B 13 -36.16 8.49 7.71
CA THR B 13 -35.79 9.93 7.75
C THR B 13 -34.74 10.14 8.83
N VAL B 14 -33.54 10.58 8.43
CA VAL B 14 -32.40 10.80 9.36
C VAL B 14 -32.47 12.24 9.86
N ASP B 15 -32.48 12.41 11.18
CA ASP B 15 -32.44 13.73 11.85
C ASP B 15 -31.02 13.97 12.37
N LEU B 16 -30.21 14.69 11.60
CA LEU B 16 -28.81 15.03 11.97
C LEU B 16 -28.77 15.99 13.17
N SER B 17 -29.87 16.65 13.53
CA SER B 17 -29.92 17.57 14.69
C SER B 17 -30.03 16.79 16.02
N THR B 18 -30.37 15.50 15.98
CA THR B 18 -30.49 14.65 17.19
C THR B 18 -29.35 13.62 17.19
N THR B 19 -28.45 13.73 18.15
CA THR B 19 -27.17 12.98 18.17
C THR B 19 -27.02 12.19 19.47
N TYR B 20 -26.29 11.08 19.37
CA TYR B 20 -26.00 10.19 20.52
C TYR B 20 -24.48 10.06 20.66
N GLN B 21 -23.97 8.84 20.79
CA GLN B 21 -22.54 8.61 21.12
C GLN B 21 -21.72 8.65 19.83
N ARG B 22 -20.43 8.91 19.99
CA ARG B 22 -19.41 8.78 18.93
C ARG B 22 -19.17 7.28 18.71
N ILE B 23 -18.83 6.90 17.50
CA ILE B 23 -18.39 5.51 17.22
C ILE B 23 -16.90 5.56 16.92
N ASP B 24 -16.13 4.86 17.73
CA ASP B 24 -14.65 4.78 17.62
C ASP B 24 -14.27 3.66 16.66
N GLY B 25 -15.14 2.66 16.48
CA GLY B 25 -14.89 1.59 15.50
C GLY B 25 -15.27 0.21 15.98
N PHE B 26 -14.74 -0.78 15.27
CA PHE B 26 -15.08 -2.21 15.35
C PHE B 26 -13.78 -2.97 15.17
N GLY B 27 -13.61 -4.10 15.86
CA GLY B 27 -12.34 -4.83 15.71
C GLY B 27 -12.31 -6.15 16.43
N THR B 28 -11.10 -6.57 16.78
CA THR B 28 -10.81 -7.89 17.38
C THR B 28 -9.36 -7.93 17.84
N SER B 29 -8.92 -9.11 18.31
CA SER B 29 -7.56 -9.37 18.85
C SER B 29 -6.94 -10.57 18.13
N GLU B 30 -5.62 -10.65 18.20
CA GLU B 30 -4.84 -11.87 17.86
C GLU B 30 -3.91 -12.17 19.02
N ALA B 31 -4.38 -11.90 20.25
CA ALA B 31 -3.66 -12.21 21.49
C ALA B 31 -3.46 -13.72 21.64
N PHE B 32 -2.63 -14.11 22.63
CA PHE B 32 -2.38 -15.51 23.05
C PHE B 32 -1.93 -16.33 21.83
N GLN B 33 -1.00 -15.75 21.06
CA GLN B 33 -0.27 -16.36 19.92
C GLN B 33 -1.23 -16.71 18.79
N ARG B 34 -2.45 -16.17 18.79
CA ARG B 34 -3.33 -16.31 17.59
C ARG B 34 -2.67 -15.59 16.41
N ALA B 35 -1.95 -14.50 16.66
CA ALA B 35 -1.11 -13.82 15.63
C ALA B 35 -0.04 -14.77 15.11
N VAL B 36 0.57 -15.57 15.99
CA VAL B 36 1.60 -16.59 15.63
C VAL B 36 0.96 -17.63 14.71
N GLN B 37 -0.28 -18.05 14.99
CA GLN B 37 -0.99 -19.04 14.13
C GLN B 37 -1.11 -18.46 12.71
N MET B 38 -1.51 -17.19 12.60
CA MET B 38 -1.62 -16.46 11.31
C MET B 38 -0.24 -16.46 10.62
N SER B 39 0.83 -16.23 11.38
CA SER B 39 2.22 -16.14 10.84
C SER B 39 2.68 -17.45 10.21
N ARG B 40 2.03 -18.58 10.55
CA ARG B 40 2.44 -19.93 10.06
C ARG B 40 1.71 -20.30 8.76
N LEU B 41 0.75 -19.49 8.32
CA LEU B 41 0.07 -19.65 7.02
C LEU B 41 1.06 -19.38 5.90
N PRO B 42 0.86 -19.97 4.70
CA PRO B 42 1.60 -19.53 3.51
C PRO B 42 1.29 -18.05 3.26
N GLU B 43 2.17 -17.37 2.51
CA GLU B 43 2.01 -15.93 2.19
C GLU B 43 0.58 -15.66 1.69
N GLU B 44 0.05 -16.50 0.78
CA GLU B 44 -1.31 -16.34 0.21
C GLU B 44 -2.35 -16.32 1.35
N GLY B 45 -2.27 -17.27 2.29
CA GLY B 45 -3.22 -17.37 3.42
C GLY B 45 -3.09 -16.21 4.40
N GLN B 46 -1.86 -15.81 4.74
CA GLN B 46 -1.61 -14.64 5.60
C GLN B 46 -2.30 -13.41 5.00
N ARG B 47 -2.05 -13.13 3.72
CA ARG B 47 -2.64 -11.96 3.03
C ARG B 47 -4.16 -12.08 3.04
N ARG B 48 -4.72 -13.26 2.79
CA ARG B 48 -6.18 -13.44 2.76
C ARG B 48 -6.74 -13.16 4.17
N ALA B 49 -6.09 -13.66 5.22
CA ALA B 49 -6.57 -13.47 6.61
C ALA B 49 -6.58 -11.97 6.94
N LEU B 50 -5.48 -11.27 6.63
CA LEU B 50 -5.34 -9.82 6.88
C LEU B 50 -6.37 -9.04 6.06
N ASP B 51 -6.54 -9.39 4.77
CA ASP B 51 -7.54 -8.73 3.88
C ASP B 51 -8.94 -8.82 4.48
N VAL B 52 -9.41 -10.02 4.84
CA VAL B 52 -10.84 -10.17 5.26
C VAL B 52 -11.04 -9.45 6.60
N LEU B 53 -9.99 -9.34 7.41
CA LEU B 53 -10.07 -8.61 8.70
C LEU B 53 -10.07 -7.10 8.44
N PHE B 54 -9.10 -6.58 7.66
CA PHE B 54 -8.80 -5.13 7.69
C PHE B 54 -9.16 -4.39 6.40
N SER B 55 -9.34 -5.06 5.26
CA SER B 55 -9.53 -4.33 3.98
C SER B 55 -10.81 -3.48 4.02
N THR B 56 -10.69 -2.18 3.72
CA THR B 56 -11.83 -1.23 3.70
C THR B 56 -12.56 -1.28 2.36
N THR B 57 -12.09 -2.11 1.41
CA THR B 57 -12.72 -2.25 0.08
C THR B 57 -13.25 -3.68 -0.10
N ASN B 58 -12.56 -4.70 0.41
CA ASN B 58 -12.86 -6.11 0.07
C ASN B 58 -12.79 -6.99 1.33
N GLY B 59 -12.92 -6.40 2.52
CA GLY B 59 -12.99 -7.17 3.77
C GLY B 59 -13.93 -6.52 4.76
N ALA B 60 -13.73 -6.81 6.05
CA ALA B 60 -14.60 -6.29 7.15
C ALA B 60 -14.23 -4.85 7.48
N GLY B 61 -13.09 -4.34 6.99
CA GLY B 61 -12.65 -2.98 7.30
C GLY B 61 -12.62 -2.74 8.80
N LEU B 62 -12.18 -3.73 9.57
CA LEU B 62 -12.08 -3.54 11.04
C LEU B 62 -11.12 -2.38 11.32
N SER B 63 -11.52 -1.48 12.23
CA SER B 63 -10.86 -0.17 12.44
C SER B 63 -10.16 -0.13 13.81
N ILE B 64 -10.26 -1.18 14.61
CA ILE B 64 -9.59 -1.27 15.95
C ILE B 64 -8.91 -2.64 16.08
N LEU B 65 -7.65 -2.66 16.50
CA LEU B 65 -6.95 -3.90 16.91
C LEU B 65 -6.66 -3.80 18.40
N ARG B 66 -7.06 -4.84 19.12
CA ARG B 66 -6.74 -5.02 20.56
C ARG B 66 -5.62 -6.06 20.67
N ASN B 67 -4.49 -5.64 21.25
CA ASN B 67 -3.33 -6.51 21.53
C ASN B 67 -3.21 -6.78 23.04
N GLY B 68 -2.64 -7.92 23.39
CA GLY B 68 -2.24 -8.24 24.77
C GLY B 68 -0.82 -7.77 25.04
N ILE B 69 -0.60 -7.18 26.21
CA ILE B 69 0.75 -6.82 26.70
C ILE B 69 1.26 -8.04 27.47
N GLY B 70 2.12 -8.83 26.84
CA GLY B 70 2.51 -10.16 27.35
C GLY B 70 3.09 -10.08 28.75
N SER B 71 2.69 -11.02 29.62
CA SER B 71 3.11 -11.07 31.04
C SER B 71 4.02 -12.28 31.33
N SER B 72 4.16 -13.22 30.39
CA SER B 72 4.72 -14.55 30.72
C SER B 72 6.24 -14.58 30.51
N PRO B 73 6.95 -15.50 31.21
CA PRO B 73 8.41 -15.63 31.07
C PRO B 73 8.92 -16.10 29.70
N ASP B 74 8.08 -16.77 28.91
CA ASP B 74 8.49 -17.28 27.58
C ASP B 74 7.24 -17.49 26.72
N MET B 75 7.41 -18.06 25.52
CA MET B 75 6.30 -18.33 24.57
C MET B 75 5.91 -19.81 24.61
N SER B 76 6.12 -20.46 25.75
CA SER B 76 5.54 -21.80 26.07
C SER B 76 4.07 -21.77 25.70
N SER B 77 3.52 -22.90 25.21
CA SER B 77 2.06 -23.07 25.04
C SER B 77 1.55 -21.93 24.13
N ASP B 78 0.53 -21.18 24.56
CA ASP B 78 -0.04 -20.02 23.82
C ASP B 78 0.25 -18.74 24.61
N HIS B 79 1.25 -18.79 25.51
CA HIS B 79 1.60 -17.65 26.39
C HIS B 79 2.19 -16.48 25.59
N MET B 80 1.82 -15.26 25.96
CA MET B 80 2.45 -14.04 25.43
C MET B 80 3.66 -13.70 26.30
N VAL B 81 4.86 -13.81 25.74
CA VAL B 81 6.11 -13.45 26.46
C VAL B 81 6.08 -11.94 26.72
N SER B 82 6.56 -11.55 27.89
CA SER B 82 6.72 -10.14 28.33
C SER B 82 7.95 -9.52 27.67
N ILE B 83 7.93 -8.21 27.48
CA ILE B 83 9.14 -7.41 27.13
C ILE B 83 10.14 -7.40 28.28
N ALA B 84 9.72 -7.75 29.50
CA ALA B 84 10.61 -7.76 30.69
C ALA B 84 10.37 -9.03 31.49
N PRO B 85 10.69 -10.22 30.92
CA PRO B 85 10.36 -11.48 31.57
C PRO B 85 11.17 -11.81 32.83
N LYS B 86 12.37 -11.25 33.00
CA LYS B 86 13.27 -11.55 34.15
C LYS B 86 13.19 -10.42 35.18
N SER B 87 13.06 -10.78 36.46
CA SER B 87 13.02 -9.80 37.58
C SER B 87 14.36 -9.07 37.68
N PRO B 88 14.35 -7.74 37.90
CA PRO B 88 15.57 -7.01 38.22
C PRO B 88 15.93 -7.08 39.72
N GLY B 89 15.14 -7.79 40.53
CA GLY B 89 15.43 -8.06 41.96
C GLY B 89 14.74 -7.08 42.91
N SER B 90 14.61 -5.82 42.48
CA SER B 90 13.96 -4.74 43.26
C SER B 90 13.22 -3.83 42.30
N PRO B 91 12.07 -3.23 42.71
CA PRO B 91 11.40 -2.23 41.89
C PRO B 91 12.20 -0.93 41.78
N ASN B 92 13.24 -0.77 42.61
CA ASN B 92 14.15 0.41 42.58
C ASN B 92 15.20 0.23 41.48
N ASN B 93 15.34 -0.97 40.93
CA ASN B 93 16.28 -1.24 39.81
C ASN B 93 15.57 -1.04 38.48
N PRO B 94 16.26 -0.48 37.46
CA PRO B 94 15.72 -0.44 36.12
C PRO B 94 15.23 -1.85 35.73
N LEU B 95 14.14 -1.93 34.99
CA LEU B 95 13.63 -3.21 34.47
C LEU B 95 14.61 -3.71 33.41
N ILE B 96 14.62 -5.02 33.20
CA ILE B 96 15.48 -5.70 32.19
C ILE B 96 14.59 -5.96 30.98
N TYR B 97 14.70 -5.12 29.97
CA TYR B 97 13.89 -5.24 28.73
C TYR B 97 14.65 -6.11 27.74
N SER B 98 13.95 -7.07 27.14
CA SER B 98 14.47 -7.92 26.04
C SER B 98 13.46 -7.91 24.89
N TRP B 99 13.22 -6.72 24.33
CA TRP B 99 12.36 -6.50 23.14
C TRP B 99 12.80 -7.45 22.02
N ASP B 100 11.90 -8.31 21.53
CA ASP B 100 12.26 -9.34 20.51
C ASP B 100 11.84 -8.88 19.10
N GLY B 101 11.24 -7.69 18.97
CA GLY B 101 10.81 -7.14 17.67
C GLY B 101 9.61 -7.90 17.09
N SER B 102 8.94 -8.76 17.88
CA SER B 102 7.78 -9.57 17.43
C SER B 102 6.55 -9.28 18.30
N ASP B 103 6.71 -9.27 19.63
CA ASP B 103 5.56 -9.16 20.57
C ASP B 103 4.51 -10.21 20.23
N ASN B 104 4.92 -11.48 20.19
CA ASN B 104 3.99 -12.63 20.03
C ASN B 104 3.26 -12.48 18.68
N LYS B 105 3.97 -11.97 17.67
CA LYS B 105 3.53 -11.71 16.25
C LYS B 105 2.43 -10.64 16.19
N GLN B 106 2.13 -9.95 17.29
CA GLN B 106 1.13 -8.83 17.29
C GLN B 106 1.72 -7.59 16.60
N LEU B 107 3.03 -7.41 16.60
CA LEU B 107 3.62 -6.20 15.97
C LEU B 107 3.40 -6.30 14.46
N TRP B 108 3.63 -7.49 13.91
CA TRP B 108 3.39 -7.77 12.48
C TRP B 108 1.92 -7.50 12.14
N VAL B 109 0.98 -8.04 12.92
CA VAL B 109 -0.46 -7.81 12.63
C VAL B 109 -0.74 -6.30 12.73
N SER B 110 -0.18 -5.62 13.73
CA SER B 110 -0.37 -4.16 13.93
C SER B 110 0.21 -3.37 12.76
N GLN B 111 1.41 -3.72 12.32
CA GLN B 111 2.09 -3.00 11.21
C GLN B 111 1.27 -3.16 9.93
N GLU B 112 0.73 -4.35 9.67
CA GLU B 112 -0.15 -4.61 8.52
C GLU B 112 -1.43 -3.78 8.68
N ALA B 113 -2.12 -3.91 9.82
CA ALA B 113 -3.38 -3.16 10.03
C ALA B 113 -3.14 -1.68 9.73
N VAL B 114 -2.09 -1.10 10.31
CA VAL B 114 -1.83 0.37 10.25
C VAL B 114 -1.31 0.75 8.85
N HIS B 115 -0.19 0.16 8.42
CA HIS B 115 0.54 0.64 7.23
C HIS B 115 -0.01 0.05 5.93
N THR B 116 -0.61 -1.14 5.95
CA THR B 116 -1.24 -1.70 4.72
C THR B 116 -2.69 -1.24 4.63
N TYR B 117 -3.44 -1.23 5.74
CA TYR B 117 -4.92 -1.11 5.69
C TYR B 117 -5.44 0.20 6.27
N GLY B 118 -4.60 1.01 6.92
CA GLY B 118 -4.99 2.36 7.39
C GLY B 118 -5.66 2.38 8.75
N VAL B 119 -5.55 1.32 9.54
CA VAL B 119 -6.06 1.32 10.93
C VAL B 119 -5.29 2.37 11.74
N LYS B 120 -6.00 3.13 12.58
CA LYS B 120 -5.38 4.22 13.35
C LYS B 120 -5.65 4.05 14.84
N THR B 121 -6.34 3.00 15.26
CA THR B 121 -6.68 2.78 16.69
C THR B 121 -6.11 1.44 17.12
N ILE B 122 -5.18 1.48 18.07
CA ILE B 122 -4.49 0.28 18.61
C ILE B 122 -4.67 0.31 20.13
N TYR B 123 -5.39 -0.67 20.66
CA TYR B 123 -5.66 -0.82 22.11
C TYR B 123 -4.77 -1.92 22.66
N ALA B 124 -3.78 -1.57 23.50
CA ALA B 124 -2.88 -2.52 24.17
C ALA B 124 -3.36 -2.69 25.61
N ASP B 125 -3.63 -3.93 26.00
CA ASP B 125 -4.20 -4.26 27.32
C ASP B 125 -3.40 -5.40 27.95
N ALA B 126 -2.93 -5.22 29.19
CA ALA B 126 -2.25 -6.26 29.97
C ALA B 126 -3.31 -7.07 30.73
N TRP B 127 -3.25 -8.41 30.58
N TRP B 127 -3.21 -8.40 30.67
CA TRP B 127 -4.01 -9.39 31.39
CA TRP B 127 -4.06 -9.33 31.47
C TRP B 127 -3.43 -9.45 32.80
C TRP B 127 -3.39 -9.60 32.82
N SER B 128 -2.10 -9.31 32.92
CA SER B 128 -1.35 -9.39 34.21
C SER B 128 -0.07 -8.57 34.10
N ALA B 129 0.48 -8.17 35.24
CA ALA B 129 1.89 -7.73 35.37
C ALA B 129 2.77 -8.97 35.25
N PRO B 130 4.08 -8.82 34.98
CA PRO B 130 5.01 -9.92 35.13
C PRO B 130 4.91 -10.49 36.55
N GLY B 131 5.15 -11.79 36.71
CA GLY B 131 4.98 -12.54 37.96
C GLY B 131 5.73 -11.91 39.11
N TYR B 132 6.95 -11.41 38.87
CA TYR B 132 7.84 -10.83 39.91
C TYR B 132 7.26 -9.52 40.47
N MET B 133 6.24 -8.94 39.82
CA MET B 133 5.58 -7.70 40.32
C MET B 133 4.35 -8.01 41.19
N LYS B 134 4.06 -9.28 41.44
CA LYS B 134 2.74 -9.70 41.98
C LYS B 134 2.90 -10.48 43.29
N THR B 135 1.85 -10.46 44.09
CA THR B 135 1.82 -11.07 45.44
C THR B 135 2.17 -12.55 45.35
N ASN B 136 1.73 -13.21 44.27
CA ASN B 136 1.83 -14.69 44.08
C ASN B 136 3.07 -15.06 43.26
N GLY B 137 3.80 -14.09 42.72
CA GLY B 137 5.06 -14.36 42.00
C GLY B 137 4.82 -15.06 40.66
N ASN B 138 3.61 -14.96 40.10
CA ASN B 138 3.20 -15.70 38.87
C ASN B 138 2.27 -14.80 38.05
N ASP B 139 2.41 -14.75 36.72
CA ASP B 139 1.48 -13.97 35.87
C ASP B 139 0.12 -14.70 35.75
N ALA B 140 0.06 -16.01 36.00
CA ALA B 140 -1.19 -16.80 36.01
C ALA B 140 -1.72 -16.95 37.44
N ASN B 141 -2.96 -17.42 37.57
CA ASN B 141 -3.62 -17.83 38.84
C ASN B 141 -3.86 -16.59 39.71
N GLY B 142 -4.26 -15.48 39.09
CA GLY B 142 -4.62 -14.25 39.83
C GLY B 142 -3.46 -13.66 40.58
N GLY B 143 -3.66 -13.31 41.84
CA GLY B 143 -2.71 -12.46 42.56
C GLY B 143 -2.87 -11.00 42.17
N THR B 144 -2.18 -10.12 42.88
CA THR B 144 -2.34 -8.65 42.78
C THR B 144 -0.98 -7.98 42.61
N LEU B 145 -0.96 -6.81 41.99
CA LEU B 145 0.25 -5.96 41.86
C LEU B 145 0.77 -5.59 43.25
N CYS B 146 2.03 -5.93 43.52
CA CYS B 146 2.72 -5.61 44.80
C CYS B 146 2.70 -4.10 45.07
N GLY B 147 2.25 -3.70 46.27
CA GLY B 147 2.32 -2.30 46.72
C GLY B 147 0.97 -1.62 46.73
N LEU B 148 -0.04 -2.17 46.04
CA LEU B 148 -1.41 -1.66 46.16
C LEU B 148 -1.88 -1.86 47.60
N SER B 149 -2.92 -1.13 47.99
CA SER B 149 -3.56 -1.30 49.32
CA SER B 149 -3.56 -1.30 49.31
C SER B 149 -3.96 -2.77 49.49
N GLY B 150 -3.53 -3.39 50.59
CA GLY B 150 -3.86 -4.80 50.90
C GLY B 150 -3.01 -5.80 50.14
N ALA B 151 -1.92 -5.35 49.52
CA ALA B 151 -1.06 -6.20 48.65
C ALA B 151 0.41 -5.83 48.82
N GLN B 152 0.89 -5.71 50.05
N GLN B 152 0.87 -5.69 50.07
CA GLN B 152 2.30 -5.37 50.34
CA GLN B 152 2.30 -5.45 50.34
C GLN B 152 3.17 -6.63 50.12
C GLN B 152 3.09 -6.68 49.91
N CYS B 153 4.32 -6.47 49.45
CA CYS B 153 5.28 -7.55 49.14
C CYS B 153 6.61 -7.25 49.83
N ALA B 154 7.27 -8.31 50.30
CA ALA B 154 8.63 -8.26 50.86
C ALA B 154 9.60 -7.64 49.84
N SER B 155 9.46 -8.00 48.56
CA SER B 155 10.41 -7.59 47.50
C SER B 155 10.26 -6.10 47.18
N GLY B 156 9.13 -5.50 47.55
CA GLY B 156 8.94 -4.05 47.40
C GLY B 156 7.59 -3.67 46.83
N ASP B 157 7.48 -2.36 46.59
CA ASP B 157 6.31 -1.65 46.01
C ASP B 157 6.59 -1.51 44.52
N TRP B 158 5.91 -2.31 43.71
CA TRP B 158 6.16 -2.41 42.25
C TRP B 158 5.16 -1.55 41.46
N ARG B 159 4.36 -0.71 42.10
CA ARG B 159 3.33 0.08 41.36
C ARG B 159 3.99 0.97 40.29
N GLN B 160 4.97 1.79 40.66
CA GLN B 160 5.62 2.73 39.70
C GLN B 160 6.34 1.90 38.63
N ALA B 161 6.98 0.80 39.03
CA ALA B 161 7.68 -0.10 38.10
C ALA B 161 6.68 -0.63 37.04
N TYR B 162 5.47 -1.03 37.43
CA TYR B 162 4.48 -1.55 36.45
C TYR B 162 4.06 -0.41 35.51
N ALA B 163 3.90 0.82 36.03
CA ALA B 163 3.55 1.99 35.19
C ALA B 163 4.69 2.25 34.18
N ASP B 164 5.93 2.16 34.64
CA ASP B 164 7.12 2.39 33.78
C ASP B 164 7.15 1.33 32.68
N TYR B 165 6.85 0.09 33.05
CA TYR B 165 6.81 -1.09 32.15
C TYR B 165 5.78 -0.87 31.02
N LEU B 166 4.57 -0.48 31.38
CA LEU B 166 3.48 -0.28 30.42
C LEU B 166 3.88 0.84 29.47
N THR B 167 4.46 1.92 30.00
CA THR B 167 4.96 3.07 29.20
C THR B 167 6.01 2.58 28.20
N LYS B 168 6.92 1.71 28.65
CA LYS B 168 8.03 1.21 27.81
C LYS B 168 7.45 0.31 26.71
N TYR B 169 6.43 -0.50 26.99
CA TYR B 169 5.78 -1.30 25.93
C TYR B 169 5.30 -0.36 24.81
N VAL B 170 4.62 0.74 25.17
CA VAL B 170 4.06 1.70 24.21
C VAL B 170 5.23 2.32 23.42
N GLU B 171 6.34 2.58 24.09
CA GLU B 171 7.55 3.19 23.47
C GLU B 171 8.12 2.21 22.44
N PHE B 172 8.22 0.92 22.77
CA PHE B 172 8.75 -0.09 21.81
C PHE B 172 7.89 -0.10 20.55
N TYR B 173 6.56 -0.02 20.70
CA TYR B 173 5.64 0.05 19.54
C TYR B 173 5.92 1.34 18.73
N GLN B 174 6.06 2.47 19.41
CA GLN B 174 6.33 3.80 18.77
C GLN B 174 7.63 3.71 17.96
N GLU B 175 8.67 3.07 18.52
CA GLU B 175 9.99 2.89 17.86
CA GLU B 175 9.98 2.94 17.83
C GLU B 175 9.86 1.96 16.65
N SER B 176 8.78 1.17 16.61
CA SER B 176 8.46 0.21 15.51
C SER B 176 7.38 0.79 14.58
N ASN B 177 7.16 2.11 14.67
CA ASN B 177 6.25 2.89 13.78
C ASN B 177 4.79 2.47 13.97
N VAL B 178 4.38 2.11 15.18
CA VAL B 178 2.96 1.85 15.51
C VAL B 178 2.62 2.66 16.76
N THR B 179 1.63 3.53 16.65
CA THR B 179 1.12 4.36 17.75
C THR B 179 0.04 3.58 18.51
N VAL B 180 0.33 3.17 19.74
CA VAL B 180 -0.73 2.64 20.66
C VAL B 180 -1.53 3.84 21.13
N THR B 181 -2.85 3.83 20.89
CA THR B 181 -3.75 4.98 21.19
C THR B 181 -4.44 4.81 22.53
N HIS B 182 -4.57 3.58 23.03
CA HIS B 182 -5.35 3.25 24.25
C HIS B 182 -4.59 2.17 25.02
N LEU B 183 -4.55 2.30 26.34
CA LEU B 183 -3.68 1.48 27.20
C LEU B 183 -4.49 0.99 28.39
N GLY B 184 -4.55 -0.34 28.54
CA GLY B 184 -5.20 -1.03 29.67
C GLY B 184 -4.18 -1.81 30.47
N PHE B 185 -4.40 -1.96 31.78
CA PHE B 185 -3.40 -2.53 32.71
C PHE B 185 -3.97 -3.76 33.43
N ILE B 186 -5.26 -4.06 33.23
CA ILE B 186 -5.94 -5.26 33.79
C ILE B 186 -6.91 -5.79 32.74
N ASN B 187 -7.31 -7.03 32.96
CA ASN B 187 -8.34 -7.74 32.16
C ASN B 187 -9.08 -8.65 33.12
N ALA B 188 -10.41 -8.65 33.07
CA ALA B 188 -11.27 -9.51 33.91
C ALA B 188 -10.73 -9.47 35.34
N PRO B 189 -10.57 -8.28 35.95
CA PRO B 189 -9.94 -8.17 37.27
C PRO B 189 -10.73 -8.84 38.39
N GLU B 190 -11.98 -9.23 38.12
CA GLU B 190 -12.86 -9.95 39.09
C GLU B 190 -12.70 -11.47 38.95
N LEU B 191 -11.82 -11.95 38.08
CA LEU B 191 -11.69 -13.41 37.77
C LEU B 191 -10.23 -13.85 37.89
N THR B 192 -10.00 -14.89 38.68
CA THR B 192 -8.75 -15.68 38.70
C THR B 192 -8.89 -16.80 37.67
N THR B 193 -7.88 -16.99 36.84
CA THR B 193 -7.83 -18.09 35.82
C THR B 193 -6.48 -18.80 35.89
N SER B 194 -6.37 -19.92 35.18
CA SER B 194 -5.14 -20.74 35.07
C SER B 194 -4.16 -20.12 34.06
N TYR B 195 -4.56 -19.05 33.39
CA TYR B 195 -3.72 -18.29 32.42
C TYR B 195 -3.49 -16.88 32.97
N ALA B 196 -2.88 -16.01 32.18
CA ALA B 196 -2.56 -14.62 32.59
C ALA B 196 -3.81 -13.98 33.20
N SER B 197 -3.72 -13.60 34.47
CA SER B 197 -4.86 -13.04 35.21
C SER B 197 -4.30 -12.27 36.38
N MET B 198 -5.04 -11.26 36.84
CA MET B 198 -4.55 -10.41 37.93
C MET B 198 -5.76 -9.72 38.55
N ARG B 199 -5.85 -9.82 39.86
CA ARG B 199 -7.03 -9.40 40.65
C ARG B 199 -6.80 -7.99 41.17
N PHE B 200 -7.66 -7.07 40.74
CA PHE B 200 -7.79 -5.70 41.28
C PHE B 200 -9.24 -5.45 41.64
N SER B 201 -9.47 -4.88 42.83
CA SER B 201 -10.76 -4.23 43.14
C SER B 201 -10.87 -2.93 42.33
N ALA B 202 -12.06 -2.36 42.25
CA ALA B 202 -12.29 -1.04 41.62
C ALA B 202 -11.43 0.01 42.32
N SER B 203 -11.36 -0.07 43.65
N SER B 203 -11.32 -0.06 43.65
CA SER B 203 -10.53 0.85 44.47
CA SER B 203 -10.51 0.92 44.41
C SER B 203 -9.05 0.73 44.05
C SER B 203 -9.02 0.75 44.09
N GLN B 204 -8.54 -0.49 43.91
CA GLN B 204 -7.13 -0.72 43.49
C GLN B 204 -6.89 -0.17 42.09
N ALA B 205 -7.87 -0.31 41.19
CA ALA B 205 -7.80 0.26 39.83
C ALA B 205 -7.62 1.78 39.92
N ALA B 206 -8.43 2.44 40.75
CA ALA B 206 -8.35 3.91 40.92
C ALA B 206 -6.96 4.27 41.47
N GLU B 207 -6.45 3.51 42.44
CA GLU B 207 -5.13 3.75 43.07
C GLU B 207 -4.05 3.71 41.98
N PHE B 208 -4.12 2.72 41.09
CA PHE B 208 -3.08 2.53 40.05
C PHE B 208 -3.21 3.60 38.96
N ILE B 209 -4.43 3.98 38.58
CA ILE B 209 -4.64 5.05 37.56
C ILE B 209 -3.95 6.33 38.05
N ARG B 210 -3.98 6.61 39.36
CA ARG B 210 -3.34 7.84 39.90
C ARG B 210 -1.82 7.80 39.70
N ILE B 211 -1.24 6.60 39.60
CA ILE B 211 0.22 6.39 39.37
C ILE B 211 0.51 6.33 37.86
N LEU B 212 -0.32 5.64 37.09
CA LEU B 212 -0.06 5.46 35.63
C LEU B 212 -0.24 6.79 34.88
N TYR B 213 -1.26 7.58 35.22
CA TYR B 213 -1.57 8.80 34.44
C TYR B 213 -0.38 9.77 34.46
N PRO B 214 0.18 10.16 35.63
CA PRO B 214 1.35 11.03 35.64
C PRO B 214 2.56 10.45 34.90
N THR B 215 2.72 9.13 34.95
CA THR B 215 3.85 8.40 34.30
C THR B 215 3.74 8.60 32.78
N ILE B 216 2.54 8.42 32.24
CA ILE B 216 2.30 8.64 30.78
C ILE B 216 2.55 10.12 30.45
N GLN B 217 1.98 11.04 31.25
CA GLN B 217 2.00 12.50 30.94
C GLN B 217 3.46 13.00 30.95
N LYS B 218 4.30 12.48 31.86
CA LYS B 218 5.72 12.90 31.99
C LYS B 218 6.62 12.21 30.96
N SER B 219 6.12 11.18 30.26
CA SER B 219 6.94 10.30 29.38
C SER B 219 7.43 11.06 28.13
N ASN B 220 8.34 10.44 27.40
CA ASN B 220 8.87 10.92 26.09
C ASN B 220 7.93 10.50 24.95
N LEU B 221 6.78 9.87 25.24
CA LEU B 221 5.91 9.31 24.16
C LEU B 221 5.39 10.43 23.24
N THR B 222 5.47 10.21 21.93
CA THR B 222 5.04 11.20 20.91
C THR B 222 3.54 11.46 21.08
N TYR B 223 2.80 10.36 21.21
CA TYR B 223 1.34 10.34 21.45
C TYR B 223 1.08 9.69 22.82
N LYS B 224 0.49 10.46 23.73
CA LYS B 224 0.16 9.95 25.08
C LYS B 224 -1.12 9.13 24.95
N PRO B 225 -1.07 7.79 25.15
CA PRO B 225 -2.28 6.98 25.00
C PRO B 225 -3.31 7.31 26.09
N THR B 226 -4.58 7.13 25.75
CA THR B 226 -5.72 7.21 26.69
C THR B 226 -5.74 5.95 27.56
N ILE B 227 -5.82 6.11 28.87
CA ILE B 227 -5.93 4.97 29.80
C ILE B 227 -7.37 4.45 29.78
N ALA B 228 -7.51 3.13 29.74
CA ALA B 228 -8.79 2.41 29.78
C ALA B 228 -8.92 1.64 31.10
N CYS B 229 -10.14 1.33 31.46
CA CYS B 229 -10.42 0.39 32.59
C CYS B 229 -11.83 -0.11 32.40
N CYS B 230 -12.13 -1.38 32.74
CA CYS B 230 -11.22 -2.32 33.36
C CYS B 230 -11.34 -3.69 32.69
N ASP B 231 -12.02 -3.77 31.56
CA ASP B 231 -12.19 -5.04 30.82
C ASP B 231 -12.84 -6.07 31.75
N ALA B 232 -13.80 -5.67 32.57
CA ALA B 232 -14.66 -6.60 33.32
C ALA B 232 -15.36 -7.52 32.32
N GLU B 233 -15.73 -8.71 32.79
CA GLU B 233 -16.25 -9.79 31.90
C GLU B 233 -17.69 -9.49 31.46
N GLY B 234 -18.32 -8.41 31.97
CA GLY B 234 -19.69 -8.04 31.59
C GLY B 234 -20.03 -6.59 31.93
N TRP B 235 -21.11 -6.08 31.35
CA TRP B 235 -21.61 -4.70 31.57
C TRP B 235 -21.88 -4.49 33.07
N ASN B 236 -22.60 -5.40 33.71
CA ASN B 236 -23.03 -5.19 35.12
C ASN B 236 -21.78 -5.07 36.00
N SER B 237 -20.83 -5.99 35.80
CA SER B 237 -19.59 -6.03 36.63
CA SER B 237 -19.57 -6.05 36.59
C SER B 237 -18.77 -4.76 36.38
N GLN B 238 -18.64 -4.32 35.13
CA GLN B 238 -17.90 -3.05 34.91
C GLN B 238 -18.64 -1.88 35.57
N ALA B 239 -19.96 -1.85 35.44
CA ALA B 239 -20.80 -0.74 35.98
C ALA B 239 -20.58 -0.66 37.50
N GLY B 240 -20.37 -1.79 38.16
CA GLY B 240 -20.13 -1.85 39.62
C GLY B 240 -18.80 -1.25 40.03
N MET B 241 -17.89 -1.01 39.09
CA MET B 241 -16.53 -0.47 39.37
C MET B 241 -16.55 1.06 39.23
N LEU B 242 -17.60 1.63 38.62
CA LEU B 242 -17.58 3.06 38.20
C LEU B 242 -17.59 3.98 39.42
N GLY B 243 -18.20 3.57 40.53
CA GLY B 243 -18.19 4.40 41.75
C GLY B 243 -16.77 4.69 42.19
N ALA B 244 -15.95 3.67 42.39
CA ALA B 244 -14.56 3.82 42.86
C ALA B 244 -13.76 4.53 41.77
N LEU B 245 -14.07 4.31 40.51
CA LEU B 245 -13.30 4.95 39.41
C LEU B 245 -13.63 6.44 39.32
N SER B 246 -14.76 6.90 39.87
CA SER B 246 -15.24 8.28 39.62
C SER B 246 -14.24 9.28 40.21
N SER B 247 -13.43 8.92 41.22
CA SER B 247 -12.45 9.87 41.78
C SER B 247 -11.30 10.14 40.80
N VAL B 248 -11.15 9.31 39.76
CA VAL B 248 -10.01 9.44 38.82
C VAL B 248 -10.51 9.63 37.39
N ASN B 249 -11.73 10.14 37.20
CA ASN B 249 -12.31 10.31 35.85
C ASN B 249 -11.50 11.37 35.05
N SER B 250 -10.71 12.21 35.71
CA SER B 250 -9.83 13.19 35.04
C SER B 250 -8.54 12.52 34.53
N MET B 251 -8.28 11.26 34.90
CA MET B 251 -6.97 10.60 34.69
C MET B 251 -7.09 9.35 33.81
N PHE B 252 -8.29 9.01 33.35
CA PHE B 252 -8.47 7.96 32.32
C PHE B 252 -9.58 8.40 31.39
N GLY B 253 -9.74 7.77 30.23
CA GLY B 253 -10.64 8.31 29.20
C GLY B 253 -11.42 7.27 28.44
N LEU B 254 -11.44 6.02 28.92
CA LEU B 254 -12.16 4.94 28.20
C LEU B 254 -12.62 3.92 29.23
N VAL B 255 -13.92 3.56 29.18
CA VAL B 255 -14.42 2.40 29.95
C VAL B 255 -14.57 1.22 28.99
N THR B 256 -14.09 0.07 29.43
CA THR B 256 -14.08 -1.17 28.61
C THR B 256 -14.76 -2.29 29.38
N ALA B 257 -15.50 -3.14 28.68
CA ALA B 257 -16.17 -4.31 29.30
C ALA B 257 -16.46 -5.33 28.22
N HIS B 258 -16.61 -6.59 28.63
CA HIS B 258 -16.90 -7.74 27.74
C HIS B 258 -18.40 -8.01 27.80
N ALA B 259 -18.84 -9.01 27.04
CA ALA B 259 -20.27 -9.38 26.96
C ALA B 259 -20.39 -10.86 27.30
N TYR B 260 -19.79 -11.29 28.41
CA TYR B 260 -19.81 -12.72 28.79
C TYR B 260 -20.74 -12.91 30.00
N THR B 261 -20.48 -12.22 31.12
CA THR B 261 -21.21 -12.46 32.38
C THR B 261 -22.51 -11.65 32.44
N SER B 262 -22.67 -10.65 31.57
CA SER B 262 -23.93 -9.90 31.34
C SER B 262 -23.84 -9.20 29.98
N GLN B 263 -24.97 -8.79 29.41
CA GLN B 263 -25.05 -8.23 28.03
C GLN B 263 -25.04 -6.71 28.09
N PRO B 264 -24.55 -6.03 27.01
CA PRO B 264 -24.47 -4.57 26.96
C PRO B 264 -25.85 -4.00 26.60
N GLY B 265 -26.78 -4.03 27.55
CA GLY B 265 -28.21 -3.73 27.31
C GLY B 265 -28.68 -2.52 28.07
N PHE B 266 -27.77 -1.76 28.70
CA PHE B 266 -28.09 -0.47 29.34
C PHE B 266 -26.90 0.48 29.19
N SER B 267 -27.16 1.78 29.32
CA SER B 267 -26.14 2.85 29.26
C SER B 267 -25.46 2.97 30.64
N MET B 268 -24.15 2.73 30.69
CA MET B 268 -23.40 2.90 31.96
C MET B 268 -23.35 4.38 32.34
N ASN B 269 -23.37 4.64 33.64
CA ASN B 269 -23.26 6.01 34.22
C ASN B 269 -21.77 6.37 34.34
N THR B 270 -21.18 6.80 33.23
CA THR B 270 -19.77 7.26 33.15
C THR B 270 -19.72 8.41 32.17
N PRO B 271 -18.80 9.40 32.37
CA PRO B 271 -18.62 10.45 31.38
C PRO B 271 -17.87 9.97 30.13
N HIS B 272 -17.22 8.80 30.22
CA HIS B 272 -16.28 8.33 29.18
C HIS B 272 -17.03 7.58 28.08
N PRO B 273 -16.44 7.49 26.87
CA PRO B 273 -16.90 6.50 25.91
C PRO B 273 -16.76 5.11 26.54
N VAL B 274 -17.64 4.20 26.13
CA VAL B 274 -17.65 2.79 26.58
C VAL B 274 -17.44 1.90 25.36
N TRP B 275 -16.44 1.01 25.44
CA TRP B 275 -16.21 -0.02 24.41
C TRP B 275 -16.59 -1.40 24.93
N MET B 276 -17.30 -2.15 24.10
CA MET B 276 -17.46 -3.61 24.27
C MET B 276 -16.25 -4.28 23.62
N THR B 277 -15.27 -4.71 24.41
CA THR B 277 -13.91 -5.08 23.94
C THR B 277 -13.73 -6.59 23.73
N ALA B 278 -14.73 -7.43 24.06
CA ALA B 278 -14.66 -8.86 23.73
C ALA B 278 -16.04 -9.50 23.88
N ALA B 279 -16.51 -10.12 22.79
CA ALA B 279 -17.70 -10.98 22.77
C ALA B 279 -17.42 -12.14 21.82
N ALA B 280 -17.99 -13.31 22.09
CA ALA B 280 -17.92 -14.49 21.19
C ALA B 280 -18.89 -15.57 21.66
N ASP B 281 -19.27 -16.45 20.73
CA ASP B 281 -19.93 -17.73 21.07
C ASP B 281 -18.80 -18.73 21.37
N LEU B 282 -18.25 -18.69 22.59
CA LEU B 282 -16.93 -19.32 22.91
C LEU B 282 -16.99 -20.84 22.77
N GLN B 283 -18.16 -21.43 23.06
CA GLN B 283 -18.33 -22.90 23.19
C GLN B 283 -19.14 -23.45 22.02
N GLY B 284 -19.77 -22.60 21.20
CA GLY B 284 -20.62 -23.03 20.07
C GLY B 284 -19.82 -23.80 19.02
N ALA B 285 -20.32 -24.96 18.60
CA ALA B 285 -19.80 -25.76 17.47
C ALA B 285 -19.53 -24.82 16.29
N TRP B 286 -18.34 -24.88 15.67
CA TRP B 286 -18.00 -23.95 14.55
C TRP B 286 -19.17 -23.91 13.56
N THR B 287 -19.56 -22.72 13.14
CA THR B 287 -20.50 -22.51 12.01
C THR B 287 -20.06 -21.29 11.19
N SER B 288 -20.23 -21.37 9.87
CA SER B 288 -19.92 -20.24 8.94
C SER B 288 -21.21 -19.54 8.52
N ALA B 289 -22.35 -20.02 9.02
CA ALA B 289 -23.70 -19.69 8.52
C ALA B 289 -24.10 -18.27 8.91
N TRP B 290 -24.82 -17.57 8.03
CA TRP B 290 -25.49 -16.29 8.35
C TRP B 290 -26.77 -16.56 9.15
N TYR B 291 -27.69 -17.37 8.62
CA TYR B 291 -28.94 -17.71 9.34
C TYR B 291 -29.33 -19.18 9.12
N SER B 292 -29.51 -19.91 10.22
CA SER B 292 -30.07 -21.28 10.29
C SER B 292 -31.31 -21.27 11.19
N TYR B 293 -31.13 -21.07 12.50
CA TYR B 293 -32.22 -21.09 13.52
C TYR B 293 -32.04 -19.97 14.55
N GLY B 294 -31.26 -18.93 14.22
CA GLY B 294 -30.90 -17.84 15.15
C GLY B 294 -30.04 -18.35 16.29
N GLY B 295 -29.28 -19.42 16.06
CA GLY B 295 -28.29 -19.96 17.01
C GLY B 295 -27.27 -18.91 17.41
N ALA B 296 -26.58 -19.17 18.52
CA ALA B 296 -25.65 -18.22 19.17
C ALA B 296 -24.47 -17.90 18.25
N GLY B 297 -24.15 -18.78 17.28
CA GLY B 297 -22.95 -18.67 16.43
C GLY B 297 -23.22 -18.02 15.07
N GLU B 298 -24.47 -17.72 14.75
CA GLU B 298 -24.90 -17.31 13.37
C GLU B 298 -24.60 -15.82 13.12
N GLY B 299 -24.27 -15.48 11.88
CA GLY B 299 -23.96 -14.09 11.48
C GLY B 299 -25.11 -13.13 11.81
N TRP B 300 -26.36 -13.51 11.52
CA TRP B 300 -27.57 -12.71 11.78
C TRP B 300 -27.61 -12.32 13.26
N THR B 301 -27.38 -13.29 14.16
CA THR B 301 -27.36 -13.10 15.64
C THR B 301 -26.32 -12.02 15.98
N TRP B 302 -25.13 -12.09 15.39
CA TRP B 302 -24.01 -11.18 15.74
C TRP B 302 -24.25 -9.78 15.16
N ALA B 303 -24.87 -9.66 13.98
CA ALA B 303 -25.32 -8.34 13.45
C ALA B 303 -26.24 -7.69 14.49
N ASN B 304 -27.15 -8.47 15.10
CA ASN B 304 -28.13 -7.97 16.10
C ASN B 304 -27.42 -7.72 17.43
N ASN B 305 -26.42 -8.52 17.78
CA ASN B 305 -25.64 -8.29 19.03
C ASN B 305 -24.95 -6.93 18.96
N VAL B 306 -24.36 -6.59 17.80
CA VAL B 306 -23.73 -5.26 17.60
C VAL B 306 -24.80 -4.17 17.74
N TYR B 307 -25.94 -4.31 17.06
CA TYR B 307 -27.05 -3.32 17.14
C TYR B 307 -27.40 -3.06 18.61
N ASN B 308 -27.59 -4.12 19.37
CA ASN B 308 -28.04 -4.03 20.78
C ASN B 308 -26.97 -3.31 21.60
N ALA B 309 -25.68 -3.64 21.41
CA ALA B 309 -24.57 -3.03 22.17
C ALA B 309 -24.53 -1.52 21.90
N ILE B 310 -24.74 -1.12 20.65
CA ILE B 310 -24.67 0.32 20.24
C ILE B 310 -25.93 1.05 20.71
N VAL B 311 -27.12 0.54 20.40
CA VAL B 311 -28.39 1.29 20.60
C VAL B 311 -28.83 1.17 22.06
N ASN B 312 -28.71 -0.01 22.68
CA ASN B 312 -29.18 -0.22 24.09
C ASN B 312 -28.02 -0.09 25.08
N GLY B 313 -26.81 -0.52 24.70
CA GLY B 313 -25.65 -0.50 25.61
C GLY B 313 -24.86 0.80 25.53
N ASN B 314 -25.18 1.68 24.58
CA ASN B 314 -24.50 2.98 24.35
C ASN B 314 -23.00 2.75 24.09
N ALA B 315 -22.64 1.63 23.45
CA ALA B 315 -21.22 1.32 23.13
C ALA B 315 -20.73 2.23 22.00
N SER B 316 -19.50 2.73 22.15
CA SER B 316 -18.77 3.48 21.09
C SER B 316 -17.90 2.56 20.24
N ALA B 317 -17.66 1.32 20.66
CA ALA B 317 -16.89 0.35 19.85
C ALA B 317 -17.32 -1.06 20.22
N TYR B 318 -17.09 -1.99 19.28
CA TYR B 318 -17.48 -3.40 19.41
C TYR B 318 -16.34 -4.26 18.86
N LEU B 319 -15.74 -5.07 19.72
CA LEU B 319 -14.65 -6.01 19.35
C LEU B 319 -15.10 -7.45 19.62
N TYR B 320 -15.13 -8.26 18.58
CA TYR B 320 -15.18 -9.73 18.73
C TYR B 320 -13.87 -10.18 19.40
N TRP B 321 -13.94 -11.26 20.17
CA TRP B 321 -12.79 -11.80 20.95
C TRP B 321 -11.56 -11.99 20.04
N ILE B 322 -11.60 -12.95 19.10
CA ILE B 322 -10.45 -13.29 18.21
C ILE B 322 -10.88 -13.19 16.73
N GLY B 323 -9.98 -12.71 15.89
CA GLY B 323 -10.23 -12.59 14.45
C GLY B 323 -10.05 -13.93 13.77
N ALA B 324 -8.80 -14.32 13.52
CA ALA B 324 -8.37 -15.56 12.82
C ALA B 324 -7.64 -16.46 13.82
N GLN B 325 -7.94 -17.75 13.80
CA GLN B 325 -7.49 -18.76 14.78
C GLN B 325 -7.74 -20.15 14.18
N THR B 326 -7.01 -21.18 14.63
CA THR B 326 -7.31 -22.61 14.33
C THR B 326 -8.10 -23.23 15.48
N GLY B 327 -9.38 -23.55 15.23
CA GLY B 327 -10.24 -24.40 16.09
C GLY B 327 -11.66 -24.47 15.56
N ASN B 328 -12.48 -25.35 16.14
CA ASN B 328 -13.88 -25.60 15.68
C ASN B 328 -14.87 -25.18 16.78
N THR B 329 -14.62 -24.04 17.44
CA THR B 329 -15.65 -23.25 18.18
C THR B 329 -15.78 -21.87 17.52
N ASN B 330 -16.84 -21.14 17.83
CA ASN B 330 -17.10 -19.76 17.33
C ASN B 330 -16.44 -18.73 18.26
N SER B 331 -15.31 -19.09 18.89
CA SER B 331 -14.43 -18.17 19.65
C SER B 331 -13.86 -17.11 18.71
N HIS B 332 -13.79 -17.41 17.41
CA HIS B 332 -13.10 -16.57 16.40
C HIS B 332 -14.03 -16.35 15.20
N MET B 333 -13.74 -15.35 14.37
CA MET B 333 -14.56 -14.97 13.19
C MET B 333 -14.05 -15.66 11.92
N VAL B 334 -12.76 -16.01 11.87
CA VAL B 334 -12.12 -16.54 10.63
C VAL B 334 -11.40 -17.83 10.97
N HIS B 335 -11.81 -18.94 10.33
CA HIS B 335 -11.19 -20.27 10.52
C HIS B 335 -9.93 -20.32 9.67
N ILE B 336 -8.79 -20.61 10.28
CA ILE B 336 -7.54 -20.87 9.51
C ILE B 336 -7.22 -22.36 9.67
N ASP B 337 -7.45 -23.07 8.57
CA ASP B 337 -7.11 -24.50 8.35
C ASP B 337 -5.60 -24.55 8.19
N ALA B 338 -4.89 -24.81 9.30
CA ALA B 338 -3.42 -24.74 9.41
C ALA B 338 -2.75 -25.71 8.43
N ASN B 339 -3.27 -26.95 8.33
CA ASN B 339 -2.68 -28.03 7.50
C ASN B 339 -2.82 -27.69 6.01
N ALA B 340 -3.99 -27.16 5.61
CA ALA B 340 -4.32 -26.81 4.20
C ALA B 340 -3.72 -25.46 3.82
N GLY B 341 -3.36 -24.63 4.81
CA GLY B 341 -2.94 -23.23 4.61
C GLY B 341 -4.09 -22.38 4.10
N THR B 342 -5.32 -22.70 4.52
CA THR B 342 -6.56 -22.02 4.05
C THR B 342 -7.16 -21.15 5.16
N VAL B 343 -8.01 -20.23 4.74
CA VAL B 343 -8.65 -19.18 5.56
C VAL B 343 -10.13 -19.12 5.15
N GLU B 344 -11.03 -19.44 6.09
CA GLU B 344 -12.50 -19.47 5.88
C GLU B 344 -13.14 -18.44 6.79
N PRO B 345 -13.56 -17.27 6.26
CA PRO B 345 -14.32 -16.31 7.06
C PRO B 345 -15.74 -16.84 7.31
N SER B 346 -16.22 -16.70 8.55
CA SER B 346 -17.63 -16.95 8.95
C SER B 346 -18.48 -15.75 8.57
N LYS B 347 -19.80 -15.90 8.59
CA LYS B 347 -20.73 -14.76 8.37
C LYS B 347 -20.76 -13.85 9.62
N ARG B 348 -20.16 -14.27 10.75
CA ARG B 348 -19.92 -13.37 11.91
C ARG B 348 -18.92 -12.29 11.47
N LEU B 349 -17.88 -12.66 10.71
CA LEU B 349 -16.92 -11.64 10.21
C LEU B 349 -17.71 -10.63 9.37
N TRP B 350 -18.53 -11.10 8.43
CA TRP B 350 -19.23 -10.21 7.46
C TRP B 350 -20.29 -9.38 8.21
N ALA B 351 -20.88 -9.90 9.28
CA ALA B 351 -21.81 -9.15 10.16
C ALA B 351 -21.11 -7.93 10.77
N LEU B 352 -19.93 -8.13 11.35
CA LEU B 352 -19.13 -7.02 11.96
C LEU B 352 -18.66 -6.06 10.85
N GLY B 353 -18.29 -6.58 9.68
CA GLY B 353 -17.88 -5.77 8.52
C GLY B 353 -19.00 -4.91 7.95
N GLN B 354 -20.24 -5.43 7.98
CA GLN B 354 -21.42 -4.72 7.43
C GLN B 354 -21.65 -3.45 8.29
N TRP B 355 -21.23 -3.47 9.55
CA TRP B 355 -21.11 -2.26 10.38
C TRP B 355 -19.84 -1.46 10.03
N SER B 356 -18.68 -2.10 10.22
CA SER B 356 -17.35 -1.42 10.25
C SER B 356 -17.02 -0.77 8.90
N ARG B 357 -17.42 -1.36 7.77
CA ARG B 357 -17.04 -0.82 6.44
C ARG B 357 -17.60 0.59 6.25
N PHE B 358 -18.75 0.90 6.87
CA PHE B 358 -19.55 2.10 6.53
C PHE B 358 -19.63 3.08 7.71
N VAL B 359 -19.48 2.58 8.93
CA VAL B 359 -19.54 3.42 10.15
C VAL B 359 -18.09 3.53 10.62
N ARG B 360 -17.43 4.59 10.16
CA ARG B 360 -15.96 4.71 10.34
C ARG B 360 -15.67 5.46 11.65
N PRO B 361 -14.42 5.32 12.16
CA PRO B 361 -14.02 6.05 13.36
C PRO B 361 -14.36 7.54 13.26
N GLY B 362 -14.93 8.06 14.34
CA GLY B 362 -15.32 9.47 14.44
C GLY B 362 -16.74 9.72 14.02
N ALA B 363 -17.46 8.70 13.55
CA ALA B 363 -18.89 8.84 13.22
C ALA B 363 -19.65 9.19 14.50
N ARG B 364 -20.76 9.87 14.34
CA ARG B 364 -21.68 10.22 15.44
C ARG B 364 -23.01 9.52 15.14
N ARG B 365 -23.53 8.75 16.10
CA ARG B 365 -24.86 8.13 15.93
C ARG B 365 -25.88 9.26 15.95
N VAL B 366 -26.89 9.19 15.08
CA VAL B 366 -27.92 10.23 14.88
C VAL B 366 -29.29 9.54 14.85
N ALA B 367 -30.36 10.29 15.11
CA ALA B 367 -31.74 9.76 15.11
C ALA B 367 -32.19 9.42 13.68
N VAL B 368 -32.88 8.29 13.54
CA VAL B 368 -33.62 7.92 12.30
C VAL B 368 -34.99 7.39 12.72
N SER B 369 -36.00 7.74 11.95
CA SER B 369 -37.42 7.40 12.22
C SER B 369 -38.08 6.96 10.91
N GLY B 370 -39.17 6.20 11.05
CA GLY B 370 -40.01 5.74 9.93
C GLY B 370 -40.01 4.22 9.81
N ALA B 371 -39.18 3.52 10.59
CA ALA B 371 -39.10 2.04 10.59
C ALA B 371 -40.43 1.45 11.09
N SER B 372 -40.80 0.29 10.53
CA SER B 372 -41.97 -0.53 10.94
C SER B 372 -41.48 -1.75 11.73
N GLY B 373 -42.34 -2.77 11.92
CA GLY B 373 -42.09 -3.94 12.77
C GLY B 373 -40.83 -4.70 12.39
N SER B 374 -40.75 -5.16 11.14
CA SER B 374 -39.76 -6.18 10.69
C SER B 374 -38.38 -5.53 10.45
N LEU B 375 -38.25 -4.20 10.58
CA LEU B 375 -36.98 -3.47 10.40
C LEU B 375 -36.50 -2.85 11.72
N ARG B 376 -35.24 -3.09 12.09
CA ARG B 376 -34.53 -2.32 13.15
C ARG B 376 -33.46 -1.48 12.46
N THR B 377 -33.43 -0.20 12.81
CA THR B 377 -32.65 0.83 12.09
C THR B 377 -31.78 1.60 13.07
N ALA B 378 -30.68 2.11 12.56
CA ALA B 378 -29.78 3.06 13.25
C ALA B 378 -29.08 3.87 12.18
N ALA B 379 -28.62 5.07 12.51
CA ALA B 379 -28.01 5.99 11.54
C ALA B 379 -26.79 6.64 12.16
N PHE B 380 -25.82 6.96 11.32
CA PHE B 380 -24.49 7.46 11.74
C PHE B 380 -24.04 8.50 10.72
N ARG B 381 -23.64 9.69 11.17
CA ARG B 381 -22.98 10.67 10.28
C ARG B 381 -21.46 10.53 10.48
N ASN B 382 -20.76 10.08 9.45
CA ASN B 382 -19.28 10.00 9.44
C ASN B 382 -18.66 11.40 9.45
N GLU B 383 -17.40 11.47 9.87
CA GLU B 383 -16.60 12.72 9.87
C GLU B 383 -16.64 13.36 8.47
N ASP B 384 -16.67 12.54 7.41
CA ASP B 384 -16.60 13.03 6.01
C ASP B 384 -17.98 13.47 5.50
N GLY B 385 -19.02 13.43 6.35
CA GLY B 385 -20.37 13.91 5.99
C GLY B 385 -21.23 12.81 5.41
N SER B 386 -20.66 11.64 5.11
CA SER B 386 -21.42 10.48 4.59
C SER B 386 -22.33 9.98 5.72
N VAL B 387 -23.58 9.67 5.39
CA VAL B 387 -24.58 9.24 6.39
C VAL B 387 -24.89 7.78 6.10
N ALA B 388 -24.51 6.89 7.01
CA ALA B 388 -24.74 5.43 6.94
C ALA B 388 -26.01 5.09 7.72
N VAL B 389 -26.96 4.45 7.04
CA VAL B 389 -28.22 3.97 7.66
C VAL B 389 -28.21 2.45 7.62
N VAL B 390 -28.22 1.85 8.81
CA VAL B 390 -28.28 0.38 9.03
C VAL B 390 -29.75 -0.03 9.06
N VAL B 391 -30.10 -1.03 8.26
CA VAL B 391 -31.45 -1.65 8.21
C VAL B 391 -31.27 -3.16 8.41
N ILE B 392 -31.72 -3.67 9.56
CA ILE B 392 -31.74 -5.14 9.86
C ILE B 392 -33.17 -5.61 9.61
N ASN B 393 -33.37 -6.40 8.55
CA ASN B 393 -34.71 -6.79 8.05
C ASN B 393 -34.98 -8.25 8.43
N SER B 394 -35.92 -8.48 9.36
CA SER B 394 -36.35 -9.82 9.84
C SER B 394 -37.45 -10.37 8.92
N GLY B 395 -37.94 -9.58 7.96
CA GLY B 395 -39.08 -9.94 7.09
C GLY B 395 -38.64 -10.30 5.69
N GLY B 396 -39.55 -10.17 4.72
CA GLY B 396 -39.26 -10.36 3.29
C GLY B 396 -38.62 -9.13 2.68
N ASP B 397 -38.25 -9.20 1.40
CA ASP B 397 -37.72 -8.04 0.62
C ASP B 397 -38.60 -6.83 0.93
N ALA B 398 -37.99 -5.69 1.26
CA ALA B 398 -38.70 -4.44 1.61
C ALA B 398 -38.10 -3.26 0.86
N ALA B 399 -38.92 -2.60 0.03
CA ALA B 399 -38.64 -1.30 -0.60
C ALA B 399 -38.47 -0.26 0.51
N VAL B 400 -37.25 0.28 0.67
CA VAL B 400 -36.96 1.32 1.69
C VAL B 400 -36.41 2.55 0.96
N ASN B 401 -36.95 3.72 1.29
CA ASN B 401 -36.40 5.05 0.91
C ASN B 401 -35.64 5.60 2.09
N VAL B 402 -34.48 6.19 1.84
CA VAL B 402 -33.61 6.79 2.88
C VAL B 402 -33.33 8.24 2.49
N ARG B 403 -33.51 9.16 3.45
CA ARG B 403 -33.42 10.62 3.19
C ARG B 403 -33.08 11.34 4.49
N LEU B 404 -32.59 12.58 4.40
CA LEU B 404 -32.41 13.47 5.57
C LEU B 404 -33.72 14.22 5.83
N ALA B 405 -33.95 14.62 7.09
CA ALA B 405 -35.07 15.50 7.50
C ALA B 405 -35.04 16.77 6.65
N SER B 406 -36.21 17.36 6.38
CA SER B 406 -36.40 18.60 5.57
C SER B 406 -35.65 19.79 6.19
N SER B 407 -35.42 19.77 7.51
CA SER B 407 -34.73 20.85 8.27
C SER B 407 -33.21 20.76 8.09
N SER B 408 -32.71 19.74 7.37
CA SER B 408 -31.27 19.54 7.08
C SER B 408 -30.76 20.65 6.15
N SER B 409 -29.54 21.14 6.41
CA SER B 409 -28.78 22.08 5.54
C SER B 409 -28.46 21.41 4.20
N ALA B 410 -28.19 22.22 3.16
CA ALA B 410 -27.85 21.78 1.79
C ALA B 410 -26.51 21.02 1.77
N ASP B 411 -25.52 21.50 2.52
CA ASP B 411 -24.14 20.94 2.60
C ASP B 411 -24.16 19.53 3.23
N GLN B 412 -25.24 19.16 3.92
CA GLN B 412 -25.42 17.80 4.51
C GLN B 412 -26.13 16.88 3.52
N GLN B 413 -26.88 17.46 2.57
CA GLN B 413 -27.78 16.72 1.63
C GLN B 413 -26.93 15.89 0.67
N PRO B 414 -27.32 14.62 0.44
CA PRO B 414 -26.55 13.75 -0.44
C PRO B 414 -26.65 14.17 -1.92
N ALA B 415 -25.58 13.92 -2.68
CA ALA B 415 -25.54 14.08 -4.15
C ALA B 415 -25.49 12.69 -4.81
N SER B 416 -25.27 11.64 -4.02
CA SER B 416 -25.22 10.23 -4.51
C SER B 416 -25.51 9.28 -3.36
N ALA B 417 -25.76 8.01 -3.67
CA ALA B 417 -25.97 6.97 -2.64
C ALA B 417 -25.51 5.61 -3.16
N LYS B 418 -25.02 4.79 -2.24
CA LYS B 418 -24.70 3.37 -2.47
C LYS B 418 -25.34 2.54 -1.35
N ALA B 419 -25.47 1.24 -1.59
CA ALA B 419 -25.97 0.29 -0.58
C ALA B 419 -25.27 -1.06 -0.74
N TRP B 420 -25.10 -1.74 0.39
CA TRP B 420 -24.52 -3.10 0.49
C TRP B 420 -25.40 -3.94 1.41
N ALA B 421 -25.40 -5.25 1.18
CA ALA B 421 -26.17 -6.21 1.99
C ALA B 421 -25.32 -7.44 2.32
N THR B 422 -25.59 -8.03 3.48
CA THR B 422 -25.04 -9.33 3.93
C THR B 422 -26.22 -10.22 4.29
N ASP B 423 -26.24 -11.45 3.78
CA ASP B 423 -27.28 -12.46 4.08
C ASP B 423 -26.70 -13.84 3.78
N ASN B 424 -27.55 -14.85 3.54
CA ASN B 424 -27.09 -16.24 3.31
C ASN B 424 -26.27 -16.33 2.01
N SER B 425 -26.57 -15.49 1.01
CA SER B 425 -25.93 -15.52 -0.33
C SER B 425 -24.90 -14.40 -0.51
N ARG B 426 -24.91 -13.37 0.33
CA ARG B 426 -24.14 -12.11 0.10
C ARG B 426 -23.17 -11.85 1.26
N ALA B 427 -21.93 -11.48 0.95
CA ALA B 427 -20.91 -10.97 1.91
C ALA B 427 -20.60 -9.51 1.59
N ILE B 428 -21.23 -8.56 2.29
CA ILE B 428 -21.09 -7.09 2.04
C ILE B 428 -21.07 -6.87 0.53
N GLU B 429 -22.16 -7.25 -0.13
CA GLU B 429 -22.25 -7.18 -1.59
C GLU B 429 -23.01 -5.90 -1.96
N GLU B 430 -22.47 -5.11 -2.90
CA GLU B 430 -23.12 -3.84 -3.33
C GLU B 430 -24.43 -4.22 -4.03
N ILE B 431 -25.51 -3.53 -3.66
CA ILE B 431 -26.86 -3.72 -4.26
C ILE B 431 -27.27 -2.40 -4.91
N GLN B 432 -28.29 -2.44 -5.79
CA GLN B 432 -28.74 -1.23 -6.51
C GLN B 432 -29.28 -0.23 -5.48
N ALA B 433 -28.92 1.04 -5.62
CA ALA B 433 -29.44 2.18 -4.85
C ALA B 433 -29.87 3.28 -5.83
N SER B 434 -31.17 3.36 -6.09
CA SER B 434 -31.81 4.42 -6.92
C SER B 434 -31.76 5.73 -6.13
N PHE B 435 -31.35 6.84 -6.76
CA PHE B 435 -31.17 8.15 -6.08
C PHE B 435 -31.80 9.27 -6.90
N ALA B 436 -32.70 10.04 -6.28
CA ALA B 436 -33.33 11.26 -6.88
C ALA B 436 -33.76 12.22 -5.77
N ASP B 437 -33.48 13.52 -5.94
CA ASP B 437 -34.00 14.62 -5.09
C ASP B 437 -33.70 14.34 -3.62
N GLY B 438 -32.47 13.94 -3.30
CA GLY B 438 -32.00 13.71 -1.92
C GLY B 438 -32.41 12.36 -1.36
N VAL B 439 -33.12 11.52 -2.13
CA VAL B 439 -33.73 10.24 -1.62
C VAL B 439 -33.06 9.05 -2.32
N ALA B 440 -32.50 8.12 -1.53
CA ALA B 440 -32.02 6.79 -2.00
C ALA B 440 -33.17 5.79 -1.85
N THR B 441 -33.43 5.01 -2.90
CA THR B 441 -34.40 3.89 -2.87
C THR B 441 -33.66 2.56 -3.07
N VAL B 442 -33.87 1.63 -2.15
CA VAL B 442 -33.17 0.32 -2.08
C VAL B 442 -34.22 -0.77 -1.82
N ASN B 443 -34.07 -1.92 -2.45
CA ASN B 443 -34.78 -3.16 -2.06
C ASN B 443 -33.90 -3.89 -1.03
N VAL B 444 -34.32 -3.85 0.23
CA VAL B 444 -33.57 -4.47 1.37
C VAL B 444 -33.89 -5.96 1.39
N PRO B 445 -32.91 -6.84 1.09
CA PRO B 445 -33.17 -8.28 1.03
C PRO B 445 -33.76 -8.85 2.33
N SER B 446 -34.60 -9.87 2.20
CA SER B 446 -35.19 -10.60 3.35
C SER B 446 -34.07 -11.14 4.26
N ARG B 447 -34.29 -11.13 5.58
CA ARG B 447 -33.36 -11.72 6.59
C ARG B 447 -31.93 -11.23 6.30
N SER B 448 -31.75 -9.91 6.14
CA SER B 448 -30.46 -9.30 5.78
C SER B 448 -30.11 -8.14 6.73
N MET B 449 -28.82 -7.81 6.78
CA MET B 449 -28.40 -6.46 7.23
C MET B 449 -27.93 -5.69 5.99
N THR B 450 -28.64 -4.60 5.70
CA THR B 450 -28.37 -3.66 4.59
C THR B 450 -27.85 -2.36 5.21
N THR B 451 -26.83 -1.76 4.61
CA THR B 451 -26.38 -0.39 4.96
C THR B 451 -26.51 0.48 3.70
N VAL B 452 -27.24 1.59 3.83
CA VAL B 452 -27.44 2.60 2.76
C VAL B 452 -26.62 3.83 3.14
N VAL B 453 -25.77 4.29 2.23
CA VAL B 453 -24.88 5.44 2.51
C VAL B 453 -25.24 6.59 1.56
N LEU B 454 -25.58 7.73 2.15
CA LEU B 454 -25.86 9.02 1.47
C LEU B 454 -24.56 9.83 1.48
N TYR B 455 -24.06 10.23 0.32
CA TYR B 455 -22.79 10.97 0.18
C TYR B 455 -23.04 12.40 -0.30
N PRO B 456 -22.55 13.44 0.43
CA PRO B 456 -22.39 14.78 -0.15
C PRO B 456 -21.45 14.72 -1.36
N ALA B 457 -21.48 15.74 -2.24
CA ALA B 457 -20.67 15.83 -3.48
C ALA B 457 -19.18 15.90 -3.15
C1 NAG C . 16.13 -5.66 -6.21
C2 NAG C . 15.86 -6.25 -4.83
C3 NAG C . 15.41 -7.71 -4.96
C4 NAG C . 14.28 -7.79 -6.00
C5 NAG C . 14.69 -7.13 -7.32
C6 NAG C . 13.54 -7.09 -8.31
C7 NAG C . 17.15 -5.60 -2.86
C8 NAG C . 18.48 -5.72 -2.17
N2 NAG C . 17.08 -6.20 -4.04
O3 NAG C . 15.02 -8.19 -3.69
O4 NAG C . 13.97 -9.15 -6.29
O5 NAG C . 15.03 -5.78 -7.08
O6 NAG C . 13.90 -6.50 -9.54
O7 NAG C . 16.21 -5.00 -2.37
C1 NAG C . 12.85 -9.69 -5.64
C2 NAG C . 12.20 -10.76 -6.55
C3 NAG C . 11.11 -11.56 -5.84
C4 NAG C . 11.60 -12.01 -4.48
C5 NAG C . 12.21 -10.83 -3.71
C6 NAG C . 12.79 -11.17 -2.35
C7 NAG C . 12.12 -10.43 -8.98
C8 NAG C . 11.45 -9.71 -10.10
N2 NAG C . 11.62 -10.23 -7.76
O3 NAG C . 10.75 -12.67 -6.72
O4 NAG C . 10.48 -12.52 -3.73
O5 NAG C . 13.30 -10.33 -4.44
O6 NAG C . 13.69 -12.26 -2.57
O7 NAG C . 13.08 -11.15 -9.15
C1 BMA C . 10.29 -13.92 -3.84
C2 BMA C . 9.65 -14.40 -2.54
C3 BMA C . 9.38 -15.88 -2.60
C4 BMA C . 8.55 -16.20 -3.86
C5 BMA C . 9.25 -15.65 -5.09
C6 BMA C . 8.40 -15.80 -6.32
O2 BMA C . 8.43 -13.68 -2.37
O3 BMA C . 8.66 -16.31 -1.42
O4 BMA C . 8.36 -17.61 -3.97
O5 BMA C . 9.47 -14.25 -4.95
O6 BMA C . 9.23 -15.42 -7.44
C1 MAN C . 8.64 -15.92 -8.63
C2 MAN C . 9.68 -15.77 -9.72
C3 MAN C . 9.92 -14.28 -10.00
C4 MAN C . 8.59 -13.58 -10.29
C5 MAN C . 7.58 -13.88 -9.18
C6 MAN C . 6.21 -13.28 -9.48
O2 MAN C . 9.15 -16.39 -10.88
O3 MAN C . 10.76 -14.06 -11.12
O4 MAN C . 8.82 -12.17 -10.44
O5 MAN C . 7.42 -15.29 -9.02
O6 MAN C . 5.78 -13.84 -10.73
C1 MAN C . 4.69 -13.09 -11.26
C2 MAN C . 3.95 -14.02 -12.24
C3 MAN C . 4.76 -14.34 -13.47
C4 MAN C . 5.26 -13.05 -14.10
C5 MAN C . 5.88 -12.09 -13.08
C6 MAN C . 6.10 -10.75 -13.78
O2 MAN C . 2.73 -13.40 -12.70
O3 MAN C . 3.95 -15.06 -14.42
O4 MAN C . 6.22 -13.38 -15.12
O5 MAN C . 5.09 -11.88 -11.90
O6 MAN C . 4.99 -9.87 -13.57
C1 MAN C . 1.66 -14.14 -12.11
C2 MAN C . 0.37 -13.87 -12.88
C3 MAN C . -0.04 -12.41 -12.63
C4 MAN C . -0.16 -12.11 -11.13
C5 MAN C . 1.12 -12.52 -10.40
C6 MAN C . 1.00 -12.44 -8.88
O2 MAN C . -0.68 -14.76 -12.45
O3 MAN C . -1.27 -12.16 -13.32
O4 MAN C . -0.42 -10.71 -10.95
O5 MAN C . 1.46 -13.88 -10.71
O6 MAN C . 2.29 -12.53 -8.25
C1 MAN C . 12.12 -13.92 -10.69
C2 MAN C . 12.82 -13.08 -11.75
C3 MAN C . 12.96 -13.88 -13.03
C4 MAN C . 13.60 -15.23 -12.76
C5 MAN C . 12.74 -15.96 -11.73
C6 MAN C . 13.23 -17.37 -11.43
O2 MAN C . 14.11 -12.69 -11.31
O3 MAN C . 13.70 -13.15 -14.00
O4 MAN C . 13.66 -15.88 -14.02
O5 MAN C . 12.77 -15.19 -10.52
O6 MAN C . 14.60 -17.27 -11.05
C1 MAN C . 9.34 -17.37 -0.73
C2 MAN C . 8.19 -18.04 0.05
C3 MAN C . 7.84 -17.13 1.24
C4 MAN C . 9.06 -16.71 2.06
C5 MAN C . 10.03 -16.01 1.15
C6 MAN C . 11.21 -15.47 1.96
O2 MAN C . 8.47 -19.40 0.44
O3 MAN C . 6.92 -17.79 2.12
O4 MAN C . 8.71 -15.80 3.12
O5 MAN C . 10.41 -16.96 0.14
O6 MAN C . 12.14 -14.77 1.13
C1 MAN C . 8.41 -20.45 -0.40
C2 MAN C . 8.18 -21.50 0.67
C3 MAN C . 9.44 -21.83 1.48
C4 MAN C . 10.72 -21.86 0.64
C5 MAN C . 10.79 -20.70 -0.37
C6 MAN C . 12.00 -20.81 -1.30
O2 MAN C . 7.69 -22.67 0.01
O3 MAN C . 9.24 -23.10 2.13
O4 MAN C . 11.86 -21.76 1.49
O5 MAN C . 9.60 -20.69 -1.16
O6 MAN C . 13.12 -20.11 -0.73
C1 NAG D . -23.55 7.49 25.97
C2 NAG D . -24.13 8.31 27.12
C3 NAG D . -23.65 9.74 27.04
C4 NAG D . -22.14 9.78 26.88
C5 NAG D . -21.68 8.88 25.74
C6 NAG D . -20.18 8.80 25.66
C7 NAG D . -26.34 7.83 28.08
C8 NAG D . -27.82 7.84 27.78
N2 NAG D . -25.58 8.28 27.08
O3 NAG D . -24.10 10.47 28.19
O4 NAG D . -21.69 11.11 26.62
O5 NAG D . -22.13 7.56 25.95
O6 NAG D . -19.69 7.96 24.61
O7 NAG D . -25.89 7.42 29.14
C1 NAG D . -21.12 11.90 27.62
C2 NAG D . -20.09 12.94 27.26
C3 NAG D . -19.71 14.01 28.30
C4 NAG D . -20.90 14.53 29.09
C5 NAG D . -21.73 13.29 29.52
C6 NAG D . -22.98 13.69 30.30
C7 NAG D . -18.52 12.12 25.66
C8 NAG D . -17.28 11.34 25.37
N2 NAG D . -18.90 12.18 26.93
O3 NAG D . -19.12 15.05 27.54
O4 NAG D . -20.47 15.33 30.21
O5 NAG D . -22.16 12.51 28.39
O6 NAG D . -24.05 14.07 29.42
O7 NAG D . -19.16 12.68 24.80
O1 XYP E . 13.27 19.07 1.28
C1 XYP E . 13.57 18.68 -0.04
C2 XYP E . 12.44 17.84 -0.60
C3 XYP E . 12.72 17.44 -2.04
C4 XYP E . 13.07 18.66 -2.88
C5 XYP E . 14.16 19.46 -2.19
O2 XYP E . 12.21 16.69 0.21
O3 XYP E . 11.58 16.76 -2.56
O4 XYP E . 13.55 18.29 -4.17
O5 XYP E . 13.76 19.83 -0.86
C1 XYP E . 13.01 19.08 -5.26
C2 XYP E . 13.99 19.04 -6.43
C3 XYP E . 13.43 19.68 -7.70
C4 XYP E . 12.03 19.15 -7.99
C5 XYP E . 11.18 19.29 -6.74
O2 XYP E . 15.20 19.70 -6.08
O3 XYP E . 14.29 19.41 -8.80
O4 XYP E . 11.43 19.89 -9.05
O5 XYP E . 11.75 18.56 -5.64
C1 XYP E . 10.39 19.21 -9.72
C2 XYP E . 9.32 20.21 -10.09
C3 XYP E . 8.23 19.60 -10.94
C4 XYP E . 8.84 18.81 -12.09
C5 XYP E . 9.89 17.85 -11.59
O2 XYP E . 8.77 20.81 -8.92
O3 XYP E . 7.37 20.60 -11.45
O4 XYP E . 7.82 18.06 -12.74
O5 XYP E . 10.92 18.55 -10.88
C1 XYP E . 7.97 18.05 -14.12
C2 XYP E . 7.22 16.84 -14.60
C3 XYP E . 7.21 16.80 -16.11
C4 XYP E . 6.69 18.11 -16.67
C5 XYP E . 7.47 19.27 -16.09
O2 XYP E . 7.82 15.63 -14.16
O3 XYP E . 6.39 15.71 -16.57
O4 XYP E . 6.84 18.05 -18.07
O5 XYP E . 7.42 19.26 -14.67
C1 XYP E . 5.77 18.46 -18.82
C2 XYP E . 6.14 19.35 -19.94
C3 XYP E . 4.93 19.96 -20.61
C4 XYP E . 3.86 18.91 -20.88
C5 XYP E . 3.57 18.15 -19.59
O2 XYP E . 7.05 20.36 -19.50
O3 XYP E . 5.34 20.58 -21.83
O4 XYP E . 2.66 19.52 -21.33
O5 XYP E . 4.74 17.54 -19.07
O1 XYP F . -19.52 -17.26 31.00
C1 XYP F . -18.20 -16.85 30.91
C2 XYP F . -17.25 -17.88 31.46
C3 XYP F . -15.81 -17.37 31.37
C4 XYP F . -15.48 -16.94 29.95
C5 XYP F . -16.56 -16.02 29.42
O2 XYP F . -17.59 -18.22 32.80
O3 XYP F . -14.90 -18.40 31.77
O4 XYP F . -14.22 -16.24 29.96
O5 XYP F . -17.86 -16.61 29.55
C1 XYP F . -13.45 -16.57 28.80
C2 XYP F . -12.48 -15.42 28.62
C3 XYP F . -11.53 -15.65 27.44
C4 XYP F . -10.91 -17.05 27.50
C5 XYP F . -12.00 -18.08 27.70
O2 XYP F . -13.21 -14.21 28.45
O3 XYP F . -10.52 -14.65 27.47
O4 XYP F . -10.18 -17.35 26.31
O5 XYP F . -12.76 -17.82 28.89
C1 XYP F . -8.86 -17.88 26.62
C2 XYP F . -8.41 -18.86 25.56
C3 XYP F . -7.05 -19.47 25.93
C4 XYP F . -6.05 -18.35 26.19
C5 XYP F . -6.61 -17.37 27.21
O2 XYP F . -9.40 -19.86 25.39
O3 XYP F . -6.61 -20.31 24.87
O4 XYP F . -4.82 -18.89 26.71
O5 XYP F . -7.87 -16.85 26.78
O1 XYP G . 26.75 13.93 -32.01
C1 XYP G . 26.85 13.10 -33.14
C2 XYP G . 28.16 12.31 -33.14
C3 XYP G . 28.20 11.23 -34.21
C4 XYP G . 26.94 10.38 -34.15
C5 XYP G . 25.72 11.28 -34.22
O2 XYP G . 29.27 13.20 -33.30
O3 XYP G . 29.36 10.41 -34.06
O4 XYP G . 26.90 9.43 -35.21
O5 XYP G . 25.71 12.22 -33.12
C1 XYP G . 26.47 8.10 -34.87
C2 XYP G . 26.43 7.25 -36.15
C3 XYP G . 26.27 5.76 -35.92
C4 XYP G . 27.25 5.32 -34.84
C5 XYP G . 27.03 6.17 -33.60
O2 XYP G . 25.41 7.73 -37.04
O3 XYP G . 26.49 5.03 -37.14
O4 XYP G . 27.07 3.94 -34.51
O5 XYP G . 27.34 7.54 -33.88
C1 XYP G . 28.30 3.23 -34.52
C2 XYP G . 28.09 1.92 -33.79
C3 XYP G . 29.29 0.98 -33.93
C4 XYP G . 29.71 0.85 -35.39
C5 XYP G . 29.90 2.24 -35.98
O2 XYP G . 27.79 2.18 -32.41
O3 XYP G . 29.02 -0.34 -33.44
O4 XYP G . 30.93 0.11 -35.42
O5 XYP G . 28.69 3.00 -35.89
C1 XYP G . 31.23 -0.42 -36.70
C2 XYP G . 32.70 -0.77 -36.70
C3 XYP G . 33.10 -1.50 -37.97
C4 XYP G . 32.12 -2.65 -38.25
C5 XYP G . 30.71 -2.12 -38.24
O2 XYP G . 33.50 0.40 -36.52
O3 XYP G . 34.42 -1.99 -37.83
O4 XYP G . 32.37 -3.23 -39.53
O5 XYP G . 30.41 -1.55 -36.97
C1 EDO H . -6.96 10.56 29.90
O1 EDO H . -8.13 10.91 29.23
C2 EDO H . -6.51 9.25 29.46
O2 EDO H . -5.55 8.65 30.25
C1 EDO I . -24.54 -8.10 22.65
O1 EDO I . -25.26 -6.90 22.41
C2 EDO I . -23.11 -7.91 22.33
O2 EDO I . -22.31 -9.06 22.22
F F J . -10.73 -8.72 21.92
#